data_9IK4
#
_entry.id   9IK4
#
_cell.length_a   1.00
_cell.length_b   1.00
_cell.length_c   1.00
_cell.angle_alpha   90.00
_cell.angle_beta   90.00
_cell.angle_gamma   90.00
#
_symmetry.space_group_name_H-M   'P 1'
#
loop_
_entity.id
_entity.type
_entity.pdbx_description
1 polymer 'Phosphate transporter PHO1 homolog 1'
2 non-polymer 'INOSITOL HEXAKISPHOSPHATE'
3 non-polymer 'PHOSPHATE ION'
#
_entity_poly.entity_id   1
_entity_poly.type   'polypeptide(L)'
_entity_poly.pdbx_seq_one_letter_code
;MVKFTKQFEGQLVPEWKDAFVDYSQLKKDLKKIHLFTNGVEKKHTETSLIKTVKSSLGRLSIFGNKGREQSRVIQVHKKL
ASSGSNNDVYETELLEKIADDTDAAKEFFACLDMQLNKVNQFYKTKEKEFLERGECLKKQMDILIELKDAFKQKQANGES
TQESKEDDSISCTISCEYDSVRGRTEEMQLQVSCLDNLEDNGEEALESLGSEEPIKANNEDSKLTTVSSRVFSCQGKNVK
IKIPLTNPSRTFSAISYLINQSSSKKNGPDGGNKLQISKKKLSHAEKMIKGALTELFKGLNYLKTYRNLNILAFMNILKK
FDKVTGKQILPIYLKVVESSYFNISDKVMILSDEVEEWFIKHLAGENRRKAMKYLKPHHRKESHSVTFFIGLFTGCFVAL
LAGYIIVAHLTGMYRQHSANTFYMETAYPVLSMFGLLFLHLFLYGCNIFMWRKARINYSFIFELGSKNELKYRDVFLICT
ASMSAIAGVMFVHLSLLEKGYSFRQVQVIPGLLLLGFLLILICPLNIFYKSSRYRLISVIRNIVFSPLYKVVMLDFFMAD
QLCSQVPMLRNLEYIACYYITGSYATQDYEYCMRVKYYRDLAYAVSFLPYYWRAMQCARRWFDEGETSHLVNLGKYVSAM
LAAGTKVAYEKERSLGWLCLVVAMSSVATIYQLYWDFVKDWGLLQHNSNNPWLRNQLMLRQKSIYYFSMVLNLVLRLAWL
QTVLHSSFEHVDYRVTGLFLAALEVIRRGQWNFYRLENEHLNNAGKFRAVKT
;
_entity_poly.pdbx_strand_id   A,B
#
loop_
_chem_comp.id
_chem_comp.type
_chem_comp.name
_chem_comp.formula
IHP non-polymer 'INOSITOL HEXAKISPHOSPHATE' 'C6 H18 O24 P6'
PO4 non-polymer 'PHOSPHATE ION' 'O4 P -3'
#
# COMPACT_ATOMS: atom_id res chain seq x y z
N GLN A 11 -18.78 -11.55 -27.18
CA GLN A 11 -19.93 -11.55 -26.29
C GLN A 11 -20.50 -10.15 -26.14
N LEU A 12 -21.62 -9.91 -26.83
CA LEU A 12 -22.31 -8.63 -26.67
C LEU A 12 -23.03 -8.55 -25.34
N VAL A 13 -23.61 -9.66 -24.90
CA VAL A 13 -24.22 -9.76 -23.57
C VAL A 13 -23.50 -10.90 -22.85
N PRO A 14 -23.42 -10.88 -21.51
CA PRO A 14 -22.82 -12.02 -20.81
C PRO A 14 -23.70 -13.26 -20.90
N GLU A 15 -23.22 -14.27 -21.63
CA GLU A 15 -24.00 -15.49 -21.89
C GLU A 15 -23.17 -16.69 -21.44
N TRP A 16 -23.26 -16.99 -20.15
CA TRP A 16 -23.02 -18.33 -19.62
C TRP A 16 -24.03 -18.46 -18.48
N LYS A 17 -25.20 -19.01 -18.78
CA LYS A 17 -26.25 -18.95 -17.78
C LYS A 17 -26.47 -20.28 -17.09
N ASP A 18 -26.69 -21.34 -17.86
CA ASP A 18 -26.57 -22.67 -17.27
C ASP A 18 -25.12 -23.03 -17.01
N ALA A 19 -24.19 -22.44 -17.76
CA ALA A 19 -22.76 -22.67 -17.60
C ALA A 19 -22.12 -21.71 -16.61
N PHE A 20 -22.91 -21.13 -15.71
CA PHE A 20 -22.36 -20.34 -14.62
C PHE A 20 -21.93 -21.31 -13.52
N VAL A 21 -21.27 -20.77 -12.49
CA VAL A 21 -21.04 -21.46 -11.22
C VAL A 21 -22.34 -22.09 -10.72
N ASP A 22 -22.27 -23.37 -10.37
CA ASP A 22 -23.46 -24.08 -9.95
C ASP A 22 -23.35 -24.37 -8.46
N TYR A 23 -22.94 -23.36 -7.69
CA TYR A 23 -22.84 -23.46 -6.24
C TYR A 23 -24.20 -23.59 -5.57
N SER A 24 -25.29 -23.30 -6.29
CA SER A 24 -26.64 -23.50 -5.79
C SER A 24 -27.05 -24.97 -5.87
N GLN A 25 -26.97 -25.55 -7.08
CA GLN A 25 -27.64 -26.82 -7.33
C GLN A 25 -26.89 -27.99 -6.71
N LEU A 26 -25.56 -27.92 -6.65
CA LEU A 26 -24.78 -29.10 -6.27
C LEU A 26 -24.84 -29.34 -4.77
N LYS A 27 -24.95 -28.28 -3.97
CA LYS A 27 -24.91 -28.46 -2.52
C LYS A 27 -26.25 -28.94 -1.96
N LYS A 28 -27.36 -28.69 -2.64
CA LYS A 28 -28.62 -29.23 -2.13
C LYS A 28 -28.75 -30.71 -2.47
N ASP A 29 -28.03 -31.18 -3.49
CA ASP A 29 -27.81 -32.62 -3.62
C ASP A 29 -26.85 -33.13 -2.58
N LEU A 30 -25.89 -32.30 -2.16
CA LEU A 30 -25.08 -32.64 -1.00
C LEU A 30 -25.87 -32.49 0.29
N LYS A 31 -26.93 -31.68 0.28
CA LYS A 31 -27.92 -31.76 1.35
C LYS A 31 -28.75 -33.04 1.24
N LYS A 32 -28.83 -33.64 0.06
CA LYS A 32 -29.66 -34.83 -0.11
C LYS A 32 -28.93 -36.12 0.23
N ILE A 33 -27.60 -36.14 0.18
CA ILE A 33 -26.89 -37.28 0.75
C ILE A 33 -26.87 -37.16 2.28
N HIS A 34 -27.01 -35.93 2.79
CA HIS A 34 -27.09 -35.67 4.22
C HIS A 34 -28.35 -36.28 4.85
N LEU A 35 -29.47 -36.27 4.13
CA LEU A 35 -30.68 -36.90 4.66
C LEU A 35 -30.66 -38.42 4.46
N PHE A 36 -29.70 -38.93 3.69
CA PHE A 36 -29.52 -40.37 3.55
C PHE A 36 -28.62 -40.93 4.66
N THR A 37 -27.89 -40.06 5.37
CA THR A 37 -26.96 -40.51 6.40
C THR A 37 -27.71 -41.06 7.61
N ASN A 38 -28.74 -40.35 8.07
CA ASN A 38 -29.53 -40.85 9.19
C ASN A 38 -30.66 -41.76 8.72
N GLY A 39 -31.02 -41.69 7.44
CA GLY A 39 -32.08 -42.51 6.90
C GLY A 39 -31.67 -43.94 6.62
N VAL A 73 -11.88 -40.96 -2.11
CA VAL A 73 -13.23 -41.51 -2.16
C VAL A 73 -13.46 -42.06 -3.57
N ILE A 74 -12.67 -41.58 -4.53
CA ILE A 74 -12.81 -42.02 -5.92
C ILE A 74 -11.44 -42.04 -6.58
N GLN A 75 -11.16 -43.08 -7.36
CA GLN A 75 -10.10 -43.00 -8.37
C GLN A 75 -10.79 -42.69 -9.70
N VAL A 76 -10.26 -41.70 -10.41
CA VAL A 76 -10.96 -41.14 -11.57
C VAL A 76 -10.56 -41.92 -12.80
N HIS A 77 -11.55 -42.49 -13.49
CA HIS A 77 -11.33 -43.18 -14.76
C HIS A 77 -11.31 -42.13 -15.87
N LYS A 78 -10.12 -41.60 -16.14
CA LYS A 78 -9.94 -40.55 -17.13
C LYS A 78 -10.10 -41.10 -18.54
N LYS A 79 -11.21 -40.77 -19.18
CA LYS A 79 -11.41 -41.11 -20.58
C LYS A 79 -11.87 -39.87 -21.32
N LEU A 80 -11.24 -39.59 -22.46
CA LEU A 80 -11.66 -38.54 -23.35
C LEU A 80 -12.73 -39.08 -24.30
N ALA A 81 -13.15 -38.27 -25.26
CA ALA A 81 -14.24 -38.64 -26.14
C ALA A 81 -13.77 -39.66 -27.18
N SER A 82 -14.61 -40.66 -27.43
CA SER A 82 -14.39 -41.64 -28.49
C SER A 82 -14.85 -41.14 -29.84
N SER A 83 -15.41 -39.94 -29.92
CA SER A 83 -15.84 -39.33 -31.16
C SER A 83 -14.78 -38.40 -31.76
N GLY A 84 -13.51 -38.61 -31.41
CA GLY A 84 -12.45 -37.73 -31.88
C GLY A 84 -12.44 -36.36 -31.27
N SER A 85 -13.11 -36.17 -30.14
CA SER A 85 -13.18 -34.87 -29.47
C SER A 85 -12.52 -34.97 -28.10
N ASN A 86 -12.65 -33.90 -27.32
CA ASN A 86 -12.04 -33.80 -26.00
C ASN A 86 -13.10 -33.63 -24.92
N ASN A 87 -14.16 -34.44 -24.99
CA ASN A 87 -15.21 -34.42 -23.98
C ASN A 87 -14.77 -35.24 -22.79
N ASP A 88 -14.59 -34.59 -21.65
CA ASP A 88 -14.03 -35.26 -20.47
C ASP A 88 -15.13 -36.05 -19.76
N VAL A 89 -15.42 -37.24 -20.28
CA VAL A 89 -16.43 -38.12 -19.69
C VAL A 89 -15.70 -38.98 -18.65
N TYR A 90 -15.97 -38.69 -17.37
CA TYR A 90 -15.24 -39.30 -16.26
C TYR A 90 -16.10 -40.38 -15.62
N GLU A 91 -15.67 -41.63 -15.77
CA GLU A 91 -16.33 -42.75 -15.13
C GLU A 91 -15.93 -42.83 -13.66
N THR A 92 -16.90 -43.18 -12.81
CA THR A 92 -16.75 -43.16 -11.36
C THR A 92 -16.38 -44.55 -10.86
N GLU A 93 -15.79 -44.61 -9.66
CA GLU A 93 -15.55 -45.87 -8.97
C GLU A 93 -15.60 -45.63 -7.46
N LEU A 94 -16.38 -46.45 -6.76
CA LEU A 94 -16.45 -46.43 -5.31
C LEU A 94 -15.63 -47.60 -4.79
N LEU A 95 -14.72 -47.32 -3.85
CA LEU A 95 -13.82 -48.33 -3.31
C LEU A 95 -13.72 -48.32 -1.80
N GLU A 96 -13.88 -47.17 -1.15
CA GLU A 96 -13.46 -46.96 0.22
C GLU A 96 -14.59 -47.10 1.24
N LYS A 97 -15.67 -47.82 0.87
CA LYS A 97 -16.74 -48.26 1.77
C LYS A 97 -17.44 -47.08 2.45
N ILE A 98 -18.13 -46.30 1.62
CA ILE A 98 -18.79 -45.08 2.10
C ILE A 98 -19.96 -45.41 3.02
N ALA A 99 -20.95 -46.14 2.50
CA ALA A 99 -22.13 -46.45 3.29
C ALA A 99 -22.51 -47.92 3.19
N ASP A 100 -23.59 -48.31 3.88
CA ASP A 100 -24.06 -49.69 3.81
C ASP A 100 -24.65 -50.01 2.45
N ASP A 101 -25.29 -49.02 1.82
CA ASP A 101 -25.66 -49.10 0.42
C ASP A 101 -25.52 -47.72 -0.21
N THR A 102 -24.63 -47.63 -1.20
CA THR A 102 -24.23 -46.35 -1.78
C THR A 102 -25.19 -45.98 -2.90
N ASP A 103 -26.44 -45.68 -2.51
CA ASP A 103 -27.43 -45.18 -3.44
C ASP A 103 -27.33 -43.68 -3.66
N ALA A 104 -26.81 -42.94 -2.67
CA ALA A 104 -26.63 -41.50 -2.80
C ALA A 104 -25.21 -41.12 -3.14
N ALA A 105 -24.27 -42.07 -3.07
CA ALA A 105 -22.90 -41.77 -3.51
C ALA A 105 -22.82 -41.64 -5.02
N LYS A 106 -23.68 -42.34 -5.76
CA LYS A 106 -23.72 -42.14 -7.20
C LYS A 106 -24.48 -40.88 -7.57
N GLU A 107 -25.36 -40.40 -6.68
CA GLU A 107 -26.03 -39.12 -6.88
C GLU A 107 -25.04 -37.96 -6.78
N PHE A 108 -23.95 -38.13 -6.01
CA PHE A 108 -22.85 -37.18 -6.00
C PHE A 108 -22.23 -37.05 -7.39
N PHE A 109 -22.11 -38.16 -8.11
CA PHE A 109 -21.54 -38.14 -9.45
C PHE A 109 -22.57 -38.30 -10.55
N ALA A 110 -23.87 -38.34 -10.23
CA ALA A 110 -24.88 -38.32 -11.28
C ALA A 110 -25.00 -36.95 -11.93
N CYS A 111 -24.55 -35.90 -11.24
CA CYS A 111 -24.58 -34.55 -11.77
C CYS A 111 -23.21 -33.93 -11.93
N LEU A 112 -22.26 -34.24 -11.05
CA LEU A 112 -20.98 -33.54 -11.00
C LEU A 112 -20.12 -33.79 -12.23
N ASP A 113 -20.10 -35.03 -12.74
CA ASP A 113 -19.33 -35.30 -13.95
C ASP A 113 -20.00 -34.71 -15.18
N MET A 114 -21.29 -34.43 -15.11
CA MET A 114 -21.93 -33.63 -16.14
C MET A 114 -21.51 -32.17 -16.06
N GLN A 115 -21.22 -31.66 -14.85
CA GLN A 115 -20.68 -30.30 -14.73
C GLN A 115 -19.27 -30.19 -15.30
N LEU A 116 -18.53 -31.30 -15.34
CA LEU A 116 -17.27 -31.30 -16.08
C LEU A 116 -17.52 -31.09 -17.56
N ASN A 117 -18.51 -31.79 -18.11
CA ASN A 117 -18.82 -31.66 -19.54
C ASN A 117 -19.45 -30.32 -19.85
N LYS A 118 -20.26 -29.80 -18.93
CA LYS A 118 -21.01 -28.57 -19.13
C LYS A 118 -20.09 -27.37 -19.35
N VAL A 119 -18.97 -27.35 -18.64
CA VAL A 119 -17.94 -26.38 -18.95
C VAL A 119 -17.14 -26.80 -20.18
N ASN A 120 -16.95 -28.10 -20.39
CA ASN A 120 -16.04 -28.54 -21.44
C ASN A 120 -16.72 -28.54 -22.80
N GLN A 121 -18.03 -28.79 -22.85
CA GLN A 121 -18.74 -28.63 -24.11
C GLN A 121 -18.84 -27.15 -24.50
N PHE A 122 -18.88 -26.25 -23.52
CA PHE A 122 -19.06 -24.84 -23.85
C PHE A 122 -17.72 -24.18 -24.15
N TYR A 123 -16.71 -24.37 -23.29
CA TYR A 123 -15.41 -23.70 -23.44
C TYR A 123 -14.73 -24.12 -24.73
N LYS A 124 -14.87 -25.39 -25.12
CA LYS A 124 -14.35 -25.82 -26.41
C LYS A 124 -15.10 -25.15 -27.55
N THR A 125 -16.42 -25.00 -27.41
CA THR A 125 -17.21 -24.36 -28.44
C THR A 125 -17.07 -22.84 -28.37
N LYS A 126 -16.94 -22.28 -27.17
CA LYS A 126 -16.69 -20.84 -27.06
C LYS A 126 -15.30 -20.49 -27.55
N GLU A 127 -14.33 -21.38 -27.37
CA GLU A 127 -13.07 -21.21 -28.07
C GLU A 127 -13.24 -21.42 -29.56
N LYS A 128 -14.07 -22.41 -29.96
CA LYS A 128 -14.33 -22.63 -31.38
C LYS A 128 -15.05 -21.45 -32.02
N GLU A 129 -15.97 -20.83 -31.28
CA GLU A 129 -16.55 -19.57 -31.75
C GLU A 129 -15.49 -18.48 -31.78
N PHE A 130 -14.62 -18.44 -30.78
CA PHE A 130 -13.50 -17.49 -30.78
C PHE A 130 -12.33 -17.96 -31.62
N LEU A 131 -12.36 -19.18 -32.16
CA LEU A 131 -11.54 -19.48 -33.32
C LEU A 131 -12.20 -18.96 -34.58
N GLU A 132 -13.52 -19.13 -34.71
CA GLU A 132 -14.25 -18.50 -35.80
C GLU A 132 -14.22 -16.98 -35.66
N ARG A 133 -14.22 -16.49 -34.43
CA ARG A 133 -13.82 -15.13 -34.13
C ARG A 133 -12.35 -15.03 -33.74
N GLY A 134 -11.50 -15.84 -34.37
CA GLY A 134 -10.07 -15.70 -34.22
C GLY A 134 -9.31 -15.86 -35.53
N GLU A 135 -10.01 -16.25 -36.59
CA GLU A 135 -9.37 -16.34 -37.90
C GLU A 135 -10.03 -15.50 -38.99
N CYS A 136 -11.33 -15.18 -38.88
CA CYS A 136 -11.92 -14.22 -39.81
C CYS A 136 -11.42 -12.80 -39.53
N LEU A 137 -10.99 -12.53 -38.30
CA LEU A 137 -10.36 -11.25 -38.01
C LEU A 137 -8.95 -11.18 -38.56
N LYS A 138 -8.26 -12.31 -38.70
CA LYS A 138 -6.95 -12.32 -39.35
C LYS A 138 -7.06 -11.90 -40.80
N LYS A 139 -8.16 -12.28 -41.46
CA LYS A 139 -8.39 -11.84 -42.82
C LYS A 139 -8.97 -10.42 -42.85
N GLN A 140 -9.74 -10.05 -41.82
CA GLN A 140 -10.34 -8.71 -41.80
C GLN A 140 -9.29 -7.63 -41.51
N MET A 141 -8.33 -7.91 -40.63
CA MET A 141 -7.21 -6.97 -40.49
C MET A 141 -6.15 -7.15 -41.55
N ASP A 142 -6.27 -8.14 -42.44
CA ASP A 142 -5.30 -8.28 -43.52
C ASP A 142 -5.57 -7.30 -44.66
N ILE A 143 -6.84 -6.95 -44.90
CA ILE A 143 -7.13 -5.90 -45.87
C ILE A 143 -6.77 -4.55 -45.27
N LEU A 144 -6.75 -4.44 -43.95
CA LEU A 144 -6.23 -3.27 -43.26
C LEU A 144 -4.74 -3.06 -43.54
N ILE A 145 -3.99 -4.16 -43.64
CA ILE A 145 -2.59 -4.10 -44.03
C ILE A 145 -2.42 -3.46 -45.40
N GLU A 146 -3.33 -3.74 -46.33
CA GLU A 146 -3.29 -3.09 -47.65
C GLU A 146 -3.65 -1.62 -47.53
N LEU A 147 -4.50 -1.26 -46.56
CA LEU A 147 -4.84 0.14 -46.36
C LEU A 147 -3.77 0.87 -45.56
N LYS A 148 -3.29 0.27 -44.47
CA LYS A 148 -2.33 0.93 -43.58
C LYS A 148 -0.91 0.91 -44.11
N ASP A 149 -0.68 0.35 -45.30
CA ASP A 149 0.59 0.51 -45.98
C ASP A 149 0.61 1.65 -46.97
N ALA A 150 -0.52 1.96 -47.61
CA ALA A 150 -0.53 2.95 -48.67
C ALA A 150 -0.93 4.34 -48.20
N PHE A 151 -1.21 4.53 -46.90
CA PHE A 151 -1.76 5.82 -46.46
C PHE A 151 -0.67 6.89 -46.40
N LYS A 152 0.61 6.48 -46.34
CA LYS A 152 1.71 7.43 -46.40
C LYS A 152 2.46 7.35 -47.71
N GLN A 153 2.33 6.24 -48.44
CA GLN A 153 2.89 6.16 -49.79
C GLN A 153 2.11 7.07 -50.74
N LYS A 154 0.78 6.94 -50.75
CA LYS A 154 -0.05 7.73 -51.64
C LYS A 154 -0.28 9.15 -51.14
N GLN A 155 0.02 9.43 -49.86
CA GLN A 155 0.01 10.82 -49.39
C GLN A 155 1.19 11.58 -50.01
N ALA A 156 2.29 10.88 -50.26
CA ALA A 156 3.41 11.45 -51.00
C ALA A 156 3.15 11.53 -52.49
N ASN A 157 2.11 10.86 -53.00
CA ASN A 157 1.80 10.90 -54.42
C ASN A 157 0.61 11.82 -54.68
N LYS A 280 -10.98 9.15 -48.48
CA LYS A 280 -11.33 9.66 -47.16
C LYS A 280 -11.95 8.55 -46.31
N LYS A 281 -11.91 7.32 -46.84
CA LYS A 281 -12.43 6.15 -46.15
C LYS A 281 -11.46 5.59 -45.12
N LEU A 282 -10.29 6.21 -44.96
CA LEU A 282 -9.32 5.74 -43.98
C LEU A 282 -9.81 5.95 -42.56
N SER A 283 -10.55 7.04 -42.33
CA SER A 283 -11.14 7.28 -41.02
C SER A 283 -12.38 6.44 -40.79
N HIS A 284 -13.09 6.06 -41.86
CA HIS A 284 -14.19 5.11 -41.72
C HIS A 284 -13.65 3.72 -41.40
N ALA A 285 -12.43 3.43 -41.85
CA ALA A 285 -11.80 2.15 -41.58
C ALA A 285 -11.44 1.95 -40.12
N GLU A 286 -11.33 3.02 -39.33
CA GLU A 286 -10.93 2.88 -37.94
C GLU A 286 -12.05 2.28 -37.09
N LYS A 287 -13.28 2.80 -37.23
CA LYS A 287 -14.44 2.26 -36.52
C LYS A 287 -14.74 0.83 -36.96
N MET A 288 -14.34 0.47 -38.19
CA MET A 288 -14.46 -0.91 -38.64
C MET A 288 -13.58 -1.86 -37.83
N ILE A 289 -12.52 -1.36 -37.20
CA ILE A 289 -11.68 -2.21 -36.38
C ILE A 289 -11.56 -1.76 -34.93
N LYS A 290 -11.90 -0.51 -34.61
CA LYS A 290 -11.96 -0.08 -33.21
C LYS A 290 -13.04 -0.85 -32.46
N GLY A 291 -14.30 -0.64 -32.84
CA GLY A 291 -15.43 -1.28 -32.18
C GLY A 291 -15.45 -2.78 -32.30
N ALA A 292 -14.77 -3.33 -33.31
CA ALA A 292 -14.59 -4.77 -33.37
C ALA A 292 -13.71 -5.27 -32.24
N LEU A 293 -12.46 -4.82 -32.21
CA LEU A 293 -11.47 -5.39 -31.31
C LEU A 293 -11.46 -4.75 -29.93
N THR A 294 -12.39 -3.85 -29.61
CA THR A 294 -12.50 -3.40 -28.23
C THR A 294 -13.13 -4.46 -27.35
N GLU A 295 -14.37 -4.86 -27.66
CA GLU A 295 -15.07 -5.85 -26.84
C GLU A 295 -14.74 -7.28 -27.23
N LEU A 296 -14.08 -7.48 -28.39
CA LEU A 296 -13.60 -8.82 -28.73
C LEU A 296 -12.46 -9.23 -27.81
N PHE A 297 -11.68 -8.26 -27.33
CA PHE A 297 -10.81 -8.52 -26.20
C PHE A 297 -11.62 -8.87 -24.97
N LYS A 298 -12.69 -8.10 -24.70
CA LYS A 298 -13.45 -8.32 -23.47
C LYS A 298 -14.29 -9.58 -23.55
N GLY A 299 -14.53 -10.12 -24.75
CA GLY A 299 -15.07 -11.46 -24.85
C GLY A 299 -14.10 -12.51 -24.35
N LEU A 300 -12.80 -12.24 -24.49
CA LEU A 300 -11.78 -13.14 -23.92
C LEU A 300 -11.58 -12.88 -22.44
N ASN A 301 -11.62 -11.62 -22.00
CA ASN A 301 -11.58 -11.32 -20.57
C ASN A 301 -12.81 -11.83 -19.83
N TYR A 302 -13.95 -11.93 -20.52
CA TYR A 302 -15.08 -12.65 -19.94
C TYR A 302 -14.77 -14.14 -19.89
N LEU A 303 -14.08 -14.66 -20.91
CA LEU A 303 -13.76 -16.08 -20.97
C LEU A 303 -12.72 -16.48 -19.94
N LYS A 304 -11.77 -15.60 -19.63
CA LYS A 304 -10.89 -15.85 -18.50
C LYS A 304 -11.66 -15.77 -17.19
N THR A 305 -12.58 -14.80 -17.09
CA THR A 305 -13.45 -14.70 -15.92
C THR A 305 -14.41 -15.89 -15.87
N TYR A 306 -14.78 -16.43 -17.04
CA TYR A 306 -15.50 -17.70 -17.07
C TYR A 306 -14.64 -18.82 -16.51
N ARG A 307 -13.35 -18.83 -16.83
CA ARG A 307 -12.47 -19.90 -16.37
C ARG A 307 -12.22 -19.79 -14.87
N ASN A 308 -11.92 -18.57 -14.40
CA ASN A 308 -11.60 -18.34 -13.00
C ASN A 308 -12.77 -18.64 -12.07
N LEU A 309 -13.98 -18.22 -12.46
CA LEU A 309 -15.17 -18.49 -11.65
C LEU A 309 -15.49 -19.97 -11.62
N ASN A 310 -15.20 -20.70 -12.69
CA ASN A 310 -15.39 -22.15 -12.67
C ASN A 310 -14.34 -22.86 -11.82
N ILE A 311 -13.10 -22.35 -11.78
CA ILE A 311 -12.18 -22.80 -10.75
C ILE A 311 -12.65 -22.35 -9.37
N LEU A 312 -13.17 -21.11 -9.29
CA LEU A 312 -13.81 -20.67 -8.06
C LEU A 312 -15.10 -21.44 -7.77
N ALA A 313 -15.71 -22.04 -8.79
CA ALA A 313 -16.77 -23.01 -8.53
C ALA A 313 -16.18 -24.29 -7.97
N PHE A 314 -15.36 -24.98 -8.78
CA PHE A 314 -15.00 -26.36 -8.53
C PHE A 314 -14.09 -26.54 -7.31
N MET A 315 -13.42 -25.47 -6.88
CA MET A 315 -12.69 -25.53 -5.63
C MET A 315 -13.62 -25.32 -4.44
N ASN A 316 -14.54 -24.35 -4.55
CA ASN A 316 -15.36 -23.91 -3.43
C ASN A 316 -16.72 -24.60 -3.37
N ILE A 317 -16.91 -25.67 -4.13
CA ILE A 317 -18.08 -26.52 -3.93
C ILE A 317 -17.78 -27.71 -3.02
N LEU A 318 -16.63 -27.69 -2.33
CA LEU A 318 -16.17 -28.85 -1.58
C LEU A 318 -15.74 -28.50 -0.16
N LYS A 319 -16.30 -27.43 0.41
CA LYS A 319 -15.94 -27.07 1.79
C LYS A 319 -16.51 -28.08 2.79
N LYS A 320 -17.83 -28.29 2.75
CA LYS A 320 -18.49 -29.13 3.74
C LYS A 320 -18.35 -30.62 3.46
N PHE A 321 -17.90 -31.00 2.27
CA PHE A 321 -17.63 -32.41 2.01
C PHE A 321 -16.32 -32.86 2.65
N ASP A 322 -15.38 -31.95 2.89
CA ASP A 322 -14.16 -32.28 3.61
C ASP A 322 -14.32 -32.15 5.12
N LYS A 323 -15.55 -32.12 5.61
CA LYS A 323 -15.83 -32.20 7.05
C LYS A 323 -16.73 -33.38 7.37
N VAL A 324 -17.73 -33.67 6.53
CA VAL A 324 -18.66 -34.76 6.80
C VAL A 324 -18.01 -36.08 6.36
N THR A 325 -17.05 -36.01 5.44
CA THR A 325 -16.27 -37.18 5.07
C THR A 325 -14.79 -37.02 5.38
N GLY A 326 -14.22 -35.85 5.09
CA GLY A 326 -12.87 -35.51 5.54
C GLY A 326 -11.74 -36.28 4.88
N LYS A 327 -11.49 -36.03 3.60
CA LYS A 327 -10.43 -36.73 2.89
C LYS A 327 -9.46 -35.77 2.21
N GLN A 328 -8.58 -36.32 1.37
CA GLN A 328 -7.65 -35.54 0.58
C GLN A 328 -8.13 -35.33 -0.86
N ILE A 329 -9.45 -35.22 -1.05
CA ILE A 329 -10.02 -35.21 -2.40
C ILE A 329 -9.94 -33.85 -3.06
N LEU A 330 -9.74 -32.78 -2.29
CA LEU A 330 -9.73 -31.43 -2.88
C LEU A 330 -8.56 -31.13 -3.81
N PRO A 331 -7.37 -31.73 -3.70
CA PRO A 331 -6.45 -31.71 -4.85
C PRO A 331 -6.58 -32.91 -5.79
N ILE A 332 -7.18 -34.02 -5.36
CA ILE A 332 -7.28 -35.19 -6.22
C ILE A 332 -8.32 -34.96 -7.30
N TYR A 333 -9.52 -34.52 -6.89
CA TYR A 333 -10.55 -34.09 -7.83
C TYR A 333 -10.09 -32.91 -8.68
N LEU A 334 -9.24 -32.03 -8.14
CA LEU A 334 -8.87 -30.82 -8.85
C LEU A 334 -7.98 -31.12 -10.07
N LYS A 335 -7.31 -32.26 -10.09
CA LYS A 335 -6.42 -32.58 -11.20
C LYS A 335 -7.11 -33.28 -12.36
N VAL A 336 -8.42 -33.49 -12.31
CA VAL A 336 -9.18 -33.66 -13.54
C VAL A 336 -9.93 -32.40 -13.91
N VAL A 337 -9.93 -31.41 -13.04
CA VAL A 337 -10.43 -30.07 -13.33
C VAL A 337 -9.37 -29.21 -13.98
N GLU A 338 -8.17 -29.16 -13.39
CA GLU A 338 -7.11 -28.34 -13.95
C GLU A 338 -6.51 -28.96 -15.21
N SER A 339 -6.54 -30.30 -15.31
CA SER A 339 -6.10 -30.98 -16.52
C SER A 339 -7.18 -31.05 -17.59
N SER A 340 -8.39 -30.59 -17.30
CA SER A 340 -9.37 -30.50 -18.36
C SER A 340 -9.02 -29.32 -19.26
N TYR A 341 -9.68 -29.27 -20.42
CA TYR A 341 -9.22 -28.46 -21.55
C TYR A 341 -9.27 -26.97 -21.24
N PHE A 342 -10.12 -26.55 -20.31
CA PHE A 342 -10.26 -25.12 -20.05
C PHE A 342 -9.13 -24.58 -19.18
N ASN A 343 -8.37 -25.42 -18.50
CA ASN A 343 -7.16 -24.97 -17.81
C ASN A 343 -5.88 -25.65 -18.26
N ILE A 344 -5.94 -26.85 -18.84
CA ILE A 344 -4.71 -27.49 -19.30
C ILE A 344 -4.20 -26.80 -20.57
N SER A 345 -5.05 -26.01 -21.22
CA SER A 345 -4.61 -25.10 -22.25
C SER A 345 -4.62 -23.67 -21.72
N ASP A 346 -3.99 -22.78 -22.48
CA ASP A 346 -4.13 -21.34 -22.40
C ASP A 346 -4.28 -20.75 -23.79
N LYS A 347 -5.10 -21.39 -24.63
CA LYS A 347 -5.28 -20.93 -26.00
C LYS A 347 -6.09 -19.64 -26.07
N VAL A 348 -6.82 -19.28 -25.01
CA VAL A 348 -7.41 -17.95 -24.96
C VAL A 348 -6.35 -16.92 -24.56
N MET A 349 -5.27 -17.34 -23.92
CA MET A 349 -4.25 -16.42 -23.42
C MET A 349 -3.20 -16.10 -24.46
N ILE A 350 -3.04 -16.93 -25.50
CA ILE A 350 -2.18 -16.53 -26.62
C ILE A 350 -2.89 -15.45 -27.44
N LEU A 351 -4.21 -15.43 -27.37
CA LEU A 351 -4.99 -14.33 -27.93
C LEU A 351 -4.94 -13.07 -27.08
N SER A 352 -4.50 -13.17 -25.82
CA SER A 352 -4.48 -12.01 -24.94
C SER A 352 -3.40 -11.02 -25.33
N ASP A 353 -2.34 -11.49 -25.98
CA ASP A 353 -1.35 -10.61 -26.57
C ASP A 353 -1.51 -10.46 -28.07
N GLU A 354 -2.26 -11.37 -28.71
CA GLU A 354 -2.59 -11.26 -30.12
C GLU A 354 -3.51 -10.09 -30.41
N VAL A 355 -4.39 -9.72 -29.47
CA VAL A 355 -5.31 -8.61 -29.69
C VAL A 355 -4.61 -7.25 -29.76
N GLU A 356 -3.41 -7.14 -29.22
CA GLU A 356 -2.65 -5.89 -29.27
C GLU A 356 -1.46 -5.96 -30.21
N GLU A 357 -1.57 -6.64 -31.35
CA GLU A 357 -0.44 -6.63 -32.28
C GLU A 357 -0.50 -5.42 -33.19
N TRP A 358 -1.69 -5.01 -33.61
CA TRP A 358 -1.84 -3.80 -34.39
C TRP A 358 -2.57 -2.70 -33.64
N PHE A 359 -3.10 -3.02 -32.46
CA PHE A 359 -3.81 -2.02 -31.65
C PHE A 359 -2.85 -1.03 -31.04
N ILE A 360 -1.64 -1.47 -30.67
CA ILE A 360 -0.77 -0.63 -29.87
C ILE A 360 0.06 0.33 -30.72
N LYS A 361 0.46 -0.05 -31.94
CA LYS A 361 1.55 0.65 -32.58
C LYS A 361 1.03 1.59 -33.68
N HIS A 362 -0.10 1.26 -34.30
CA HIS A 362 -0.64 2.14 -35.33
C HIS A 362 -2.13 2.43 -35.21
N LEU A 363 -2.88 1.72 -34.36
CA LEU A 363 -4.31 2.00 -34.27
C LEU A 363 -4.57 3.20 -33.35
N ALA A 364 -4.28 3.06 -32.06
CA ALA A 364 -4.60 4.10 -31.10
C ALA A 364 -3.53 5.19 -31.04
N GLY A 365 -2.42 5.02 -31.75
CA GLY A 365 -1.34 5.98 -31.69
C GLY A 365 -0.07 5.38 -31.12
N GLU A 366 0.68 6.16 -30.34
CA GLU A 366 1.96 5.69 -29.83
C GLU A 366 1.96 5.51 -28.31
N ASN A 367 0.84 5.69 -27.63
CA ASN A 367 0.83 5.72 -26.17
C ASN A 367 0.67 4.29 -25.62
N ARG A 368 0.67 4.19 -24.30
CA ARG A 368 0.42 2.94 -23.60
C ARG A 368 -0.80 2.97 -22.70
N ARG A 369 -1.16 4.14 -22.16
CA ARG A 369 -2.33 4.32 -21.33
C ARG A 369 -3.54 4.77 -22.14
N LYS A 370 -3.31 5.58 -23.18
CA LYS A 370 -4.40 5.98 -24.08
C LYS A 370 -4.89 4.79 -24.89
N ALA A 371 -3.99 3.88 -25.27
CA ALA A 371 -4.40 2.65 -25.94
C ALA A 371 -5.11 1.70 -24.99
N MET A 372 -4.83 1.81 -23.69
CA MET A 372 -5.46 0.93 -22.72
C MET A 372 -6.87 1.41 -22.35
N LYS A 373 -7.07 2.72 -22.37
CA LYS A 373 -8.32 3.30 -21.84
C LYS A 373 -9.49 3.07 -22.79
N TYR A 374 -9.21 2.85 -24.09
CA TYR A 374 -10.26 2.66 -25.08
C TYR A 374 -11.00 1.33 -24.93
N LEU A 375 -10.51 0.39 -24.12
CA LEU A 375 -11.15 -0.92 -24.04
C LEU A 375 -11.13 -1.51 -22.64
N LYS A 376 -10.83 -0.73 -21.60
CA LYS A 376 -10.69 -1.27 -20.26
C LYS A 376 -11.75 -0.70 -19.33
N PRO A 377 -12.85 -1.41 -19.07
CA PRO A 377 -13.57 -1.22 -17.81
C PRO A 377 -12.89 -2.03 -16.71
N HIS A 378 -13.29 -1.81 -15.45
CA HIS A 378 -12.51 -2.22 -14.26
C HIS A 378 -11.05 -1.80 -14.40
N HIS A 379 -10.86 -0.50 -14.67
CA HIS A 379 -9.65 0.09 -15.23
C HIS A 379 -8.36 -0.24 -14.48
N ARG A 380 -8.23 0.24 -13.25
CA ARG A 380 -7.01 0.12 -12.46
C ARG A 380 -7.34 0.52 -11.03
N LYS A 381 -6.74 -0.16 -10.05
CA LYS A 381 -6.88 0.27 -8.66
C LYS A 381 -5.96 1.44 -8.37
N GLU A 382 -5.81 1.77 -7.09
CA GLU A 382 -4.92 2.86 -6.77
C GLU A 382 -3.46 2.41 -6.89
N SER A 383 -2.63 3.31 -7.40
CA SER A 383 -1.20 3.06 -7.51
C SER A 383 -0.60 3.13 -6.12
N HIS A 384 -0.35 1.98 -5.52
CA HIS A 384 0.10 1.92 -4.13
C HIS A 384 1.61 2.02 -4.01
N SER A 385 2.16 3.01 -4.71
CA SER A 385 3.51 3.50 -4.50
C SER A 385 3.52 4.68 -3.55
N VAL A 386 2.41 4.92 -2.87
CA VAL A 386 2.33 5.95 -1.85
C VAL A 386 1.89 5.39 -0.51
N THR A 387 1.30 4.19 -0.45
CA THR A 387 1.15 3.52 0.82
C THR A 387 2.49 2.97 1.28
N PHE A 388 3.38 2.69 0.35
CA PHE A 388 4.73 2.27 0.67
C PHE A 388 5.57 3.46 1.15
N PHE A 389 5.46 4.60 0.49
CA PHE A 389 6.29 5.75 0.80
C PHE A 389 5.83 6.49 2.04
N ILE A 390 4.57 6.32 2.45
CA ILE A 390 4.19 6.61 3.83
C ILE A 390 4.90 5.68 4.79
N GLY A 391 4.97 4.40 4.49
CA GLY A 391 5.59 3.44 5.38
C GLY A 391 7.10 3.52 5.40
N LEU A 392 7.72 3.82 4.25
CA LEU A 392 9.17 3.93 4.18
C LEU A 392 9.68 5.03 5.09
N PHE A 393 8.96 6.15 5.14
CA PHE A 393 9.39 7.29 5.91
C PHE A 393 8.81 7.32 7.32
N THR A 394 7.76 6.56 7.59
CA THR A 394 7.33 6.32 8.96
C THR A 394 8.39 5.53 9.71
N GLY A 395 8.86 4.43 9.13
CA GLY A 395 9.85 3.62 9.82
C GLY A 395 11.22 4.24 9.84
N CYS A 396 11.54 5.07 8.85
CA CYS A 396 12.84 5.72 8.84
C CYS A 396 12.93 6.82 9.89
N PHE A 397 11.83 7.52 10.16
CA PHE A 397 11.74 8.48 11.24
C PHE A 397 11.76 7.83 12.62
N VAL A 398 11.04 6.73 12.81
CA VAL A 398 10.97 6.08 14.11
C VAL A 398 12.32 5.48 14.48
N ALA A 399 13.02 4.86 13.54
CA ALA A 399 14.30 4.25 13.83
C ALA A 399 15.43 5.27 13.95
N LEU A 400 15.33 6.41 13.29
CA LEU A 400 16.27 7.50 13.51
C LEU A 400 16.01 8.25 14.81
N LEU A 401 14.76 8.38 15.21
CA LEU A 401 14.44 8.83 16.56
C LEU A 401 14.90 7.84 17.61
N ALA A 402 14.62 6.55 17.45
CA ALA A 402 15.03 5.56 18.43
C ALA A 402 16.54 5.36 18.46
N GLY A 403 17.24 5.74 17.39
CA GLY A 403 18.69 5.82 17.44
C GLY A 403 19.13 7.22 17.75
N TYR A 404 18.38 7.91 18.61
CA TYR A 404 18.73 9.22 19.13
C TYR A 404 18.40 9.25 20.61
N ILE A 405 17.50 8.37 21.06
CA ILE A 405 17.24 8.19 22.48
C ILE A 405 18.01 6.99 23.04
N ILE A 406 18.89 6.39 22.24
CA ILE A 406 19.87 5.42 22.72
C ILE A 406 21.26 6.00 22.72
N VAL A 407 21.66 6.67 21.64
CA VAL A 407 23.01 7.22 21.56
C VAL A 407 23.16 8.43 22.49
N ALA A 408 22.14 9.30 22.57
CA ALA A 408 22.26 10.44 23.48
C ALA A 408 22.11 10.02 24.92
N HIS A 409 21.43 8.91 25.17
CA HIS A 409 21.44 8.30 26.50
C HIS A 409 22.85 7.86 26.86
N LEU A 410 23.56 7.26 25.92
CA LEU A 410 24.93 6.81 26.11
C LEU A 410 25.93 7.86 25.62
N THR A 411 25.75 9.09 26.08
CA THR A 411 26.68 10.17 25.79
C THR A 411 26.88 11.04 27.02
N GLY A 412 26.11 10.85 28.09
CA GLY A 412 26.00 11.95 29.01
C GLY A 412 25.20 13.23 29.12
N MET A 413 24.43 13.53 28.06
CA MET A 413 23.88 14.82 27.64
C MET A 413 22.37 14.64 27.86
N TYR A 414 21.85 13.40 27.79
CA TYR A 414 20.43 13.12 27.96
C TYR A 414 19.87 13.61 29.29
N ARG A 415 20.68 13.59 30.35
CA ARG A 415 20.31 14.24 31.61
C ARG A 415 21.13 15.48 31.88
N GLN A 416 21.92 15.93 30.90
CA GLN A 416 22.89 17.04 31.02
C GLN A 416 23.83 16.84 32.20
N HIS A 417 24.36 15.62 32.31
CA HIS A 417 25.43 15.29 33.26
C HIS A 417 26.76 15.15 32.54
N SER A 418 27.02 16.02 31.58
CA SER A 418 28.08 15.86 30.61
C SER A 418 28.69 17.23 30.30
N ALA A 419 29.27 17.34 29.11
CA ALA A 419 29.92 18.55 28.61
C ALA A 419 28.93 19.67 28.28
N ASN A 420 29.43 20.69 27.56
CA ASN A 420 28.77 21.98 27.32
C ASN A 420 27.31 21.86 26.91
N THR A 421 26.51 22.84 27.36
CA THR A 421 25.06 22.81 27.23
C THR A 421 24.59 23.42 25.90
N PHE A 422 25.42 23.35 24.86
CA PHE A 422 24.97 23.73 23.51
C PHE A 422 24.24 22.58 22.82
N TYR A 423 23.35 21.90 23.55
CA TYR A 423 22.47 20.87 23.02
C TYR A 423 21.05 21.31 23.28
N MET A 424 20.74 21.60 24.54
CA MET A 424 19.39 21.91 24.97
C MET A 424 19.08 23.41 24.88
N GLU A 425 19.95 24.19 24.24
CA GLU A 425 19.66 25.57 23.92
C GLU A 425 19.98 25.89 22.47
N THR A 426 20.55 24.95 21.71
CA THR A 426 20.86 25.15 20.31
C THR A 426 19.88 24.42 19.41
N ALA A 427 19.73 23.12 19.76
CA ALA A 427 18.85 22.18 19.04
C ALA A 427 17.77 21.41 19.79
N TYR A 428 17.36 21.86 20.97
CA TYR A 428 16.09 21.42 21.59
C TYR A 428 15.03 22.49 21.26
N PRO A 429 15.42 23.74 20.92
CA PRO A 429 14.50 24.67 20.36
C PRO A 429 14.50 24.48 18.84
N VAL A 430 14.67 23.26 18.32
CA VAL A 430 14.47 22.96 16.85
C VAL A 430 13.65 21.68 16.91
N LEU A 431 14.13 20.65 17.59
CA LEU A 431 13.32 19.45 17.72
C LEU A 431 12.08 19.68 18.57
N SER A 432 11.92 20.87 19.13
CA SER A 432 10.64 21.25 19.70
C SER A 432 9.75 21.91 18.65
N MET A 433 10.30 22.86 17.90
CA MET A 433 9.52 23.57 16.89
C MET A 433 9.16 22.68 15.71
N PHE A 434 9.81 21.54 15.55
CA PHE A 434 9.47 20.66 14.45
C PHE A 434 8.67 19.45 14.89
N GLY A 435 8.61 19.17 16.18
CA GLY A 435 7.72 18.14 16.64
C GLY A 435 6.32 18.60 16.89
N LEU A 436 6.11 19.92 16.95
CA LEU A 436 4.79 20.54 17.10
C LEU A 436 4.18 20.94 15.78
N LEU A 437 4.98 21.45 14.84
CA LEU A 437 4.45 21.80 13.53
C LEU A 437 4.10 20.57 12.70
N PHE A 438 4.85 19.47 12.85
CA PHE A 438 4.57 18.25 12.13
C PHE A 438 3.74 17.27 12.94
N LEU A 439 3.23 17.70 14.08
CA LEU A 439 2.09 17.02 14.68
C LEU A 439 0.78 17.66 14.25
N HIS A 440 0.77 18.95 13.94
CA HIS A 440 -0.44 19.60 13.47
C HIS A 440 -0.79 19.26 12.04
N LEU A 441 0.18 19.24 11.14
CA LEU A 441 -0.04 18.81 9.76
C LEU A 441 -0.47 17.36 9.68
N PHE A 442 -0.06 16.52 10.62
CA PHE A 442 -0.58 15.17 10.68
C PHE A 442 -2.04 15.15 11.11
N LEU A 443 -2.41 15.92 12.14
CA LEU A 443 -3.80 15.94 12.59
C LEU A 443 -4.71 16.72 11.66
N TYR A 444 -4.17 17.49 10.73
CA TYR A 444 -4.94 17.97 9.60
C TYR A 444 -5.17 16.88 8.57
N GLY A 445 -4.41 15.81 8.62
CA GLY A 445 -4.60 14.74 7.67
C GLY A 445 -5.27 13.57 8.34
N CYS A 446 -5.43 13.65 9.64
CA CYS A 446 -6.29 12.71 10.34
C CYS A 446 -7.68 13.31 10.51
N ASN A 447 -7.91 14.50 9.94
CA ASN A 447 -9.22 15.13 9.88
C ASN A 447 -9.82 15.15 8.50
N ILE A 448 -9.01 15.09 7.44
CA ILE A 448 -9.53 14.77 6.12
C ILE A 448 -9.95 13.31 6.03
N PHE A 449 -9.31 12.43 6.79
CA PHE A 449 -9.80 11.07 6.89
C PHE A 449 -11.12 10.97 7.65
N MET A 450 -11.44 11.93 8.52
CA MET A 450 -12.74 11.92 9.17
C MET A 450 -13.77 12.82 8.52
N TRP A 451 -13.34 13.77 7.69
CA TRP A 451 -14.29 14.56 6.91
C TRP A 451 -14.82 13.79 5.71
N ARG A 452 -13.94 13.10 5.00
CA ARG A 452 -14.38 12.27 3.88
C ARG A 452 -15.25 11.12 4.35
N LYS A 453 -14.93 10.54 5.51
CA LYS A 453 -15.64 9.37 5.99
C LYS A 453 -16.96 9.72 6.68
N ALA A 454 -17.34 10.99 6.70
CA ALA A 454 -18.70 11.35 7.03
C ALA A 454 -19.30 12.34 6.04
N ARG A 455 -18.58 12.67 4.97
CA ARG A 455 -19.03 13.48 3.84
C ARG A 455 -19.40 14.89 4.29
N ILE A 456 -18.43 15.53 4.93
CA ILE A 456 -18.66 16.82 5.59
C ILE A 456 -18.29 17.93 4.62
N ASN A 457 -17.88 17.56 3.41
CA ASN A 457 -17.74 18.46 2.25
C ASN A 457 -16.81 19.63 2.56
N TYR A 458 -15.54 19.29 2.75
CA TYR A 458 -14.62 20.31 3.21
C TYR A 458 -14.15 21.22 2.09
N SER A 459 -14.28 20.80 0.83
CA SER A 459 -13.74 21.60 -0.27
C SER A 459 -14.63 22.79 -0.60
N PHE A 460 -15.95 22.63 -0.48
CA PHE A 460 -16.86 23.72 -0.80
C PHE A 460 -16.98 24.73 0.34
N ILE A 461 -16.99 24.26 1.59
CA ILE A 461 -17.03 25.14 2.74
C ILE A 461 -15.79 26.01 2.79
N PHE A 462 -14.61 25.42 2.62
CA PHE A 462 -13.36 26.16 2.56
C PHE A 462 -13.19 26.96 1.27
N GLU A 463 -14.09 26.76 0.29
CA GLU A 463 -14.02 27.31 -1.06
C GLU A 463 -12.71 26.89 -1.76
N LEU A 464 -12.46 25.59 -1.74
CA LEU A 464 -11.20 25.09 -2.27
C LEU A 464 -11.23 25.02 -3.80
N GLY A 465 -12.14 24.23 -4.35
CA GLY A 465 -12.15 23.91 -5.77
C GLY A 465 -11.63 22.52 -6.01
N SER A 466 -11.48 22.19 -7.30
CA SER A 466 -10.90 20.89 -7.64
C SER A 466 -9.41 20.93 -7.37
N LYS A 467 -8.68 21.72 -8.17
CA LYS A 467 -7.39 22.36 -7.84
C LYS A 467 -6.38 21.41 -7.19
N ASN A 468 -6.28 20.20 -7.77
CA ASN A 468 -5.37 19.14 -7.31
C ASN A 468 -5.64 18.77 -5.85
N GLU A 469 -6.80 18.10 -5.66
CA GLU A 469 -7.29 17.72 -4.33
C GLU A 469 -6.25 16.93 -3.53
N LEU A 470 -5.78 17.54 -2.44
CA LEU A 470 -4.97 16.83 -1.47
C LEU A 470 -5.81 15.79 -0.75
N LYS A 471 -5.20 14.68 -0.42
CA LYS A 471 -5.90 13.61 0.27
C LYS A 471 -5.24 13.39 1.62
N TYR A 472 -5.68 12.35 2.31
CA TYR A 472 -5.05 11.95 3.56
C TYR A 472 -3.90 10.99 3.35
N ARG A 473 -3.48 10.79 2.11
CA ARG A 473 -2.22 10.13 1.81
C ARG A 473 -1.19 11.10 1.26
N ASP A 474 -1.59 12.32 0.95
CA ASP A 474 -0.65 13.34 0.51
C ASP A 474 -0.37 14.40 1.56
N VAL A 475 -0.83 14.21 2.80
CA VAL A 475 -0.39 15.01 3.93
C VAL A 475 0.10 14.06 5.01
N PHE A 476 -0.21 12.78 4.86
CA PHE A 476 0.51 11.76 5.62
C PHE A 476 1.86 11.47 5.02
N LEU A 477 2.09 11.92 3.79
CA LEU A 477 3.36 11.77 3.11
C LEU A 477 4.28 12.95 3.33
N ILE A 478 3.73 14.17 3.44
CA ILE A 478 4.56 15.32 3.76
C ILE A 478 5.06 15.24 5.20
N CYS A 479 4.18 14.88 6.13
CA CYS A 479 4.50 14.96 7.54
C CYS A 479 5.41 13.83 8.01
N THR A 480 5.64 12.83 7.18
CA THR A 480 6.55 11.73 7.46
C THR A 480 7.85 11.80 6.69
N ALA A 481 7.81 12.16 5.40
CA ALA A 481 9.02 12.32 4.61
C ALA A 481 9.86 13.48 5.08
N SER A 482 9.25 14.49 5.70
CA SER A 482 9.97 15.66 6.15
C SER A 482 10.21 15.67 7.65
N MET A 483 9.80 14.63 8.36
CA MET A 483 10.16 14.48 9.77
C MET A 483 11.26 13.46 9.96
N SER A 484 11.45 12.55 9.00
CA SER A 484 12.66 11.76 8.95
C SER A 484 13.82 12.54 8.35
N ALA A 485 13.53 13.63 7.61
CA ALA A 485 14.57 14.50 7.11
C ALA A 485 15.08 15.44 8.19
N ILE A 486 14.35 15.61 9.28
CA ILE A 486 14.87 16.36 10.43
C ILE A 486 15.51 15.40 11.42
N ALA A 487 14.87 14.26 11.66
CA ALA A 487 15.43 13.27 12.57
C ALA A 487 16.68 12.61 12.02
N GLY A 488 16.98 12.78 10.73
CA GLY A 488 18.27 12.44 10.18
C GLY A 488 19.30 13.53 10.40
N VAL A 489 18.98 14.76 10.00
CA VAL A 489 19.93 15.87 10.12
C VAL A 489 20.16 16.24 11.58
N MET A 490 19.19 15.99 12.45
CA MET A 490 19.42 16.02 13.89
C MET A 490 19.80 14.66 14.44
N PHE A 491 20.42 13.81 13.62
CA PHE A 491 21.20 12.68 14.11
C PHE A 491 22.65 12.75 13.67
N VAL A 492 22.93 13.28 12.48
CA VAL A 492 24.29 13.59 12.06
C VAL A 492 24.86 14.79 12.81
N HIS A 493 24.03 15.54 13.54
CA HIS A 493 24.45 16.68 14.32
C HIS A 493 24.66 16.35 15.78
N LEU A 494 24.12 15.23 16.26
CA LEU A 494 24.50 14.72 17.57
C LEU A 494 25.87 14.06 17.56
N SER A 495 26.18 13.32 16.50
CA SER A 495 27.46 12.63 16.33
C SER A 495 28.64 13.59 16.30
N LEU A 496 28.52 14.68 15.53
CA LEU A 496 29.55 15.69 15.49
C LEU A 496 29.74 16.37 16.85
N LEU A 497 28.70 16.41 17.68
CA LEU A 497 28.80 16.95 19.02
C LEU A 497 28.91 15.84 20.06
N GLU A 498 29.36 14.66 19.64
CA GLU A 498 29.85 13.68 20.60
C GLU A 498 31.36 13.75 20.72
N LYS A 499 32.05 14.04 19.62
CA LYS A 499 33.50 14.18 19.58
C LYS A 499 33.97 15.61 19.43
N GLY A 500 33.13 16.51 18.92
CA GLY A 500 33.53 17.88 18.68
C GLY A 500 34.10 18.07 17.29
N TYR A 501 33.45 18.90 16.49
CA TYR A 501 33.89 19.17 15.12
C TYR A 501 33.78 20.67 14.82
N SER A 502 34.47 21.48 15.62
CA SER A 502 34.64 22.93 15.38
C SER A 502 33.34 23.71 15.44
N PHE A 503 32.82 23.90 16.67
CA PHE A 503 31.56 24.53 17.03
C PHE A 503 31.12 25.75 16.22
N ARG A 504 32.08 26.55 15.75
CA ARG A 504 31.79 27.73 14.95
C ARG A 504 31.12 27.42 13.61
N GLN A 505 31.24 26.21 13.10
CA GLN A 505 30.61 25.86 11.84
C GLN A 505 29.63 24.69 11.93
N VAL A 506 29.62 23.95 13.04
CA VAL A 506 28.65 22.86 13.14
C VAL A 506 27.29 23.43 13.57
N GLN A 507 27.28 24.62 14.17
CA GLN A 507 26.03 25.24 14.62
C GLN A 507 25.50 26.25 13.58
N VAL A 508 25.39 25.75 12.36
CA VAL A 508 24.54 26.35 11.33
C VAL A 508 23.51 25.37 10.79
N ILE A 509 23.84 24.08 10.82
CA ILE A 509 22.97 22.91 10.61
C ILE A 509 21.61 23.01 11.32
N PRO A 510 21.48 23.50 12.57
CA PRO A 510 20.12 23.82 13.05
C PRO A 510 19.47 24.95 12.28
N GLY A 511 20.11 26.12 12.22
CA GLY A 511 19.55 27.27 11.54
C GLY A 511 19.49 27.20 10.04
N LEU A 512 19.97 26.12 9.42
CA LEU A 512 19.88 25.92 7.99
C LEU A 512 18.78 24.94 7.62
N LEU A 513 18.53 23.95 8.48
CA LEU A 513 17.38 23.06 8.31
C LEU A 513 16.08 23.84 8.38
N LEU A 514 16.03 24.86 9.23
CA LEU A 514 14.95 25.85 9.18
C LEU A 514 14.96 26.56 7.84
N LEU A 515 16.13 26.98 7.38
CA LEU A 515 16.24 27.72 6.13
C LEU A 515 15.95 26.84 4.92
N GLY A 516 16.26 25.55 5.01
CA GLY A 516 15.88 24.64 3.95
C GLY A 516 14.37 24.48 3.84
N PHE A 517 13.72 24.32 5.00
CA PHE A 517 12.28 24.18 5.04
C PHE A 517 11.56 25.47 4.73
N LEU A 518 12.19 26.61 4.95
CA LEU A 518 11.53 27.89 4.67
C LEU A 518 11.39 28.11 3.17
N LEU A 519 12.38 27.67 2.38
CA LEU A 519 12.37 27.88 0.95
C LEU A 519 11.60 26.82 0.17
N ILE A 520 11.44 25.61 0.74
CA ILE A 520 10.51 24.64 0.17
C ILE A 520 9.09 25.15 0.19
N LEU A 521 8.69 25.80 1.27
CA LEU A 521 7.36 26.39 1.41
C LEU A 521 7.09 27.48 0.38
N ILE A 522 8.11 28.24 -0.01
CA ILE A 522 7.93 29.32 -0.97
C ILE A 522 8.55 28.96 -2.32
N CYS A 523 8.90 27.68 -2.52
CA CYS A 523 9.45 27.20 -3.79
C CYS A 523 8.42 27.32 -4.90
N PRO A 524 8.70 28.05 -5.96
CA PRO A 524 7.67 28.34 -6.96
C PRO A 524 7.65 27.41 -8.17
N LEU A 525 8.36 26.28 -8.16
CA LEU A 525 8.52 25.63 -9.46
C LEU A 525 7.35 24.73 -9.85
N ASN A 526 7.34 23.47 -9.41
CA ASN A 526 6.13 22.65 -9.38
C ASN A 526 6.25 21.48 -8.40
N ILE A 527 7.37 21.38 -7.70
CA ILE A 527 7.78 20.09 -7.15
C ILE A 527 6.96 19.72 -5.92
N PHE A 528 7.06 20.52 -4.87
CA PHE A 528 6.50 20.15 -3.57
C PHE A 528 5.11 20.78 -3.41
N TYR A 529 4.17 20.21 -4.17
CA TYR A 529 2.74 20.52 -4.08
C TYR A 529 2.43 21.99 -4.27
N LYS A 530 2.93 22.58 -5.35
CA LYS A 530 2.44 23.90 -5.70
C LYS A 530 0.99 23.78 -6.17
N SER A 531 0.24 24.88 -6.04
CA SER A 531 -1.22 25.05 -6.10
C SER A 531 -1.92 24.51 -4.85
N SER A 532 -1.16 24.13 -3.82
CA SER A 532 -1.72 24.05 -2.48
C SER A 532 -0.73 24.55 -1.46
N ARG A 533 0.44 25.00 -1.89
CA ARG A 533 1.44 25.59 -1.04
C ARG A 533 1.61 27.07 -1.33
N TYR A 534 1.05 27.56 -2.43
CA TYR A 534 0.89 28.98 -2.63
C TYR A 534 -0.52 29.45 -2.31
N ARG A 535 -1.48 28.53 -2.20
CA ARG A 535 -2.76 28.86 -1.58
C ARG A 535 -2.60 29.06 -0.08
N LEU A 536 -1.68 28.32 0.53
CA LEU A 536 -1.44 28.48 1.96
C LEU A 536 -0.71 29.79 2.26
N ILE A 537 -0.02 30.38 1.28
CA ILE A 537 0.51 31.72 1.48
C ILE A 537 -0.48 32.76 0.97
N SER A 538 -1.60 32.33 0.38
CA SER A 538 -2.75 33.21 0.21
C SER A 538 -3.61 33.28 1.46
N VAL A 539 -3.26 32.53 2.49
CA VAL A 539 -4.00 32.49 3.74
C VAL A 539 -3.26 33.22 4.85
N ILE A 540 -1.95 32.96 5.00
CA ILE A 540 -1.16 33.61 6.03
C ILE A 540 -0.62 34.93 5.50
N ARG A 541 -1.13 35.38 4.36
CA ARG A 541 -0.99 36.78 3.98
C ARG A 541 -2.15 37.62 4.47
N ASN A 542 -3.37 37.06 4.46
CA ASN A 542 -4.51 37.80 4.99
C ASN A 542 -4.48 37.91 6.50
N ILE A 543 -3.92 36.91 7.18
CA ILE A 543 -4.06 36.84 8.63
C ILE A 543 -3.10 37.81 9.31
N VAL A 544 -1.90 37.97 8.76
CA VAL A 544 -0.91 38.85 9.40
C VAL A 544 -1.27 40.32 9.17
N PHE A 545 -1.82 40.64 8.01
CA PHE A 545 -2.43 41.95 7.82
C PHE A 545 -3.83 41.88 8.40
N SER A 546 -3.91 42.06 9.73
CA SER A 546 -5.08 41.59 10.46
C SER A 546 -6.37 42.37 10.22
N PRO A 547 -6.45 43.69 10.43
CA PRO A 547 -7.79 44.31 10.40
C PRO A 547 -8.34 44.50 9.00
N LEU A 548 -7.51 44.40 7.97
CA LEU A 548 -7.96 44.38 6.59
C LEU A 548 -8.29 42.94 6.22
N TYR A 549 -8.45 42.66 4.92
CA TYR A 549 -8.46 41.31 4.35
C TYR A 549 -9.58 40.45 4.93
N LYS A 550 -10.81 40.79 4.50
CA LYS A 550 -12.08 40.21 4.95
C LYS A 550 -12.09 38.68 5.06
N VAL A 551 -12.83 38.15 6.01
CA VAL A 551 -12.69 36.77 6.42
C VAL A 551 -13.56 35.87 5.55
N VAL A 552 -12.96 34.84 4.98
CA VAL A 552 -13.68 33.70 4.45
C VAL A 552 -13.34 32.49 5.30
N MET A 553 -13.90 31.34 4.96
CA MET A 553 -13.81 30.19 5.85
C MET A 553 -12.41 29.60 5.90
N LEU A 554 -11.64 29.75 4.83
CA LEU A 554 -10.24 29.32 4.86
C LEU A 554 -9.34 30.56 5.00
N ASP A 555 -9.85 31.50 5.78
CA ASP A 555 -9.07 32.64 6.23
C ASP A 555 -9.29 32.72 7.74
N PHE A 556 -10.43 32.24 8.17
CA PHE A 556 -10.67 31.96 9.58
C PHE A 556 -9.93 30.77 10.09
N PHE A 557 -9.90 29.67 9.34
CA PHE A 557 -9.47 28.39 9.84
C PHE A 557 -7.99 28.33 10.18
N MET A 558 -7.11 28.78 9.29
CA MET A 558 -5.68 28.75 9.53
C MET A 558 -5.22 30.00 10.30
N ALA A 559 -6.17 30.76 10.83
CA ALA A 559 -5.88 31.77 11.83
C ALA A 559 -6.18 31.28 13.21
N ASP A 560 -7.04 30.29 13.34
CA ASP A 560 -7.35 29.68 14.61
C ASP A 560 -6.84 28.26 14.64
N GLN A 561 -5.87 27.93 13.81
CA GLN A 561 -4.97 26.79 14.03
C GLN A 561 -3.67 27.24 14.67
N LEU A 562 -3.47 28.54 14.80
CA LEU A 562 -2.28 29.11 15.39
C LEU A 562 -2.46 29.44 16.85
N CYS A 563 -3.66 29.29 17.38
CA CYS A 563 -3.88 29.37 18.81
C CYS A 563 -3.68 28.02 19.48
N SER A 564 -3.00 27.10 18.81
CA SER A 564 -2.43 25.93 19.44
C SER A 564 -0.92 25.90 19.29
N GLN A 565 -0.36 26.81 18.52
CA GLN A 565 1.06 26.90 18.26
C GLN A 565 1.62 28.15 18.89
N VAL A 566 1.18 28.46 20.10
CA VAL A 566 1.84 29.48 20.90
C VAL A 566 3.18 28.97 21.42
N PRO A 567 3.35 27.71 21.91
CA PRO A 567 4.71 27.28 22.24
C PRO A 567 5.61 27.05 21.04
N MET A 568 5.07 26.73 19.88
CA MET A 568 5.88 26.69 18.68
C MET A 568 6.38 28.06 18.28
N LEU A 569 5.65 29.13 18.55
CA LEU A 569 6.04 30.47 18.11
C LEU A 569 6.95 31.16 19.11
N ARG A 570 7.43 30.45 20.12
CA ARG A 570 8.55 30.88 20.94
C ARG A 570 9.84 30.21 20.52
N ASN A 571 9.74 29.06 19.88
CA ASN A 571 10.87 28.36 19.28
C ASN A 571 11.01 28.68 17.82
N LEU A 572 10.47 29.80 17.37
CA LEU A 572 10.79 30.31 16.04
C LEU A 572 11.07 31.78 16.28
N GLU A 573 11.15 32.13 17.56
CA GLU A 573 11.69 33.42 17.95
C GLU A 573 12.95 33.30 18.80
N TYR A 574 13.22 32.13 19.36
CA TYR A 574 14.54 31.97 19.97
C TYR A 574 15.57 31.69 18.88
N ILE A 575 15.18 30.92 17.86
CA ILE A 575 16.04 30.59 16.74
C ILE A 575 16.44 31.86 16.00
N ALA A 576 15.47 32.71 15.64
CA ALA A 576 15.84 33.94 14.95
C ALA A 576 16.18 35.04 15.96
N CYS A 577 17.01 34.70 16.93
CA CYS A 577 17.73 35.60 17.82
C CYS A 577 19.13 35.02 17.92
N TYR A 578 19.22 33.73 17.61
CA TYR A 578 20.46 32.96 17.66
C TYR A 578 20.96 32.81 16.23
N TYR A 579 20.36 33.53 15.29
CA TYR A 579 20.74 33.44 13.88
C TYR A 579 20.65 34.81 13.21
N ILE A 580 20.39 35.88 13.98
CA ILE A 580 20.18 37.18 13.36
C ILE A 580 21.01 38.26 14.03
N THR A 581 21.57 37.97 15.20
CA THR A 581 22.39 38.97 15.88
C THR A 581 23.75 38.38 16.25
N GLY A 582 24.04 37.21 15.71
CA GLY A 582 25.33 36.59 15.90
C GLY A 582 25.56 36.08 17.31
N SER A 583 24.85 35.00 17.66
CA SER A 583 25.03 34.36 18.96
C SER A 583 25.55 32.94 18.82
N TYR A 584 25.82 32.49 17.60
CA TYR A 584 26.24 31.12 17.33
C TYR A 584 27.75 31.01 17.20
N ALA A 585 28.35 31.93 16.45
CA ALA A 585 29.80 31.93 16.28
C ALA A 585 30.48 32.51 17.52
N THR A 586 29.73 33.30 18.29
CA THR A 586 30.29 33.97 19.46
C THR A 586 30.13 33.15 20.73
N GLN A 587 29.50 31.97 20.61
CA GLN A 587 29.39 30.95 21.65
C GLN A 587 28.73 31.44 22.93
N ASP A 588 27.44 31.77 22.86
CA ASP A 588 26.71 32.20 24.06
C ASP A 588 25.23 31.86 23.97
N TYR A 589 24.76 30.97 24.85
CA TYR A 589 23.37 30.54 24.88
C TYR A 589 22.49 31.46 25.72
N GLU A 590 23.06 32.52 26.28
CA GLU A 590 22.25 33.46 27.05
C GLU A 590 22.24 34.85 26.44
N TYR A 591 22.63 35.03 25.19
CA TYR A 591 22.74 36.38 24.62
C TYR A 591 21.37 37.01 24.42
N CYS A 592 20.35 36.19 24.17
CA CYS A 592 19.00 36.71 24.03
C CYS A 592 18.41 37.05 25.39
N MET A 593 18.52 36.13 26.36
CA MET A 593 17.84 36.29 27.63
C MET A 593 18.66 37.03 28.68
N ARG A 594 19.19 38.20 28.32
CA ARG A 594 19.78 39.12 29.29
C ARG A 594 18.97 40.40 29.37
N VAL A 595 18.74 41.01 28.21
CA VAL A 595 18.06 42.29 28.10
C VAL A 595 16.56 42.11 28.22
N LYS A 596 15.84 43.24 28.29
CA LYS A 596 14.38 43.28 28.40
C LYS A 596 13.66 42.65 27.20
N TYR A 597 14.37 42.50 26.08
CA TYR A 597 13.94 41.83 24.87
C TYR A 597 13.39 40.44 25.14
N TYR A 598 14.02 39.67 26.01
CA TYR A 598 13.48 38.36 26.33
C TYR A 598 12.87 38.31 27.72
N ARG A 599 12.25 39.40 28.14
CA ARG A 599 11.39 39.40 29.31
C ARG A 599 9.94 39.68 28.94
N ASP A 600 9.72 40.55 27.95
CA ASP A 600 8.37 40.83 27.47
C ASP A 600 8.25 40.49 25.99
N LEU A 601 9.18 40.97 25.17
CA LEU A 601 8.99 40.94 23.72
C LEU A 601 9.30 39.58 23.10
N ALA A 602 9.64 38.60 23.91
CA ALA A 602 9.57 37.22 23.46
C ALA A 602 8.42 36.49 24.11
N TYR A 603 7.53 37.19 24.80
CA TYR A 603 6.35 36.63 25.41
C TYR A 603 5.12 37.47 25.09
N ALA A 604 5.31 38.73 24.73
CA ALA A 604 4.20 39.59 24.36
C ALA A 604 3.91 39.48 22.86
N VAL A 605 4.93 39.20 22.06
CA VAL A 605 4.68 38.97 20.64
C VAL A 605 4.46 37.48 20.48
N SER A 606 4.61 36.74 21.57
CA SER A 606 4.15 35.36 21.56
C SER A 606 2.64 35.26 21.50
N PHE A 607 1.91 36.23 22.08
CA PHE A 607 0.47 36.34 21.87
C PHE A 607 0.13 37.28 20.74
N LEU A 608 0.81 37.10 19.66
CA LEU A 608 0.41 37.61 18.38
C LEU A 608 -0.67 36.77 17.68
N PRO A 609 -0.77 35.43 17.80
CA PRO A 609 -1.89 34.75 17.12
C PRO A 609 -3.26 35.07 17.67
N TYR A 610 -3.38 35.45 18.94
CA TYR A 610 -4.63 35.89 19.53
C TYR A 610 -4.91 37.34 19.23
N TYR A 611 -3.98 38.06 18.63
CA TYR A 611 -4.28 39.37 18.09
C TYR A 611 -4.82 39.29 16.68
N TRP A 612 -4.38 38.33 15.88
CA TRP A 612 -4.88 38.23 14.52
C TRP A 612 -6.33 37.76 14.48
N ARG A 613 -6.74 36.95 15.44
CA ARG A 613 -8.12 36.51 15.55
C ARG A 613 -9.01 37.67 15.93
N ALA A 614 -8.62 38.40 16.97
CA ALA A 614 -9.43 39.49 17.51
C ALA A 614 -9.51 40.68 16.57
N MET A 615 -8.66 40.74 15.55
CA MET A 615 -8.81 41.78 14.55
C MET A 615 -9.34 41.25 13.22
N GLN A 616 -9.77 39.99 13.17
CA GLN A 616 -10.57 39.51 12.05
C GLN A 616 -12.06 39.54 12.37
N CYS A 617 -12.42 39.38 13.64
CA CYS A 617 -13.77 39.59 14.12
C CYS A 617 -14.15 41.05 14.12
N ALA A 618 -13.18 41.96 14.20
CA ALA A 618 -13.47 43.37 14.07
C ALA A 618 -13.83 43.73 12.65
N ARG A 619 -13.12 43.18 11.67
CA ARG A 619 -13.65 43.37 10.32
C ARG A 619 -14.90 42.51 10.09
N ARG A 620 -15.10 41.41 10.80
CA ARG A 620 -16.36 40.68 10.75
C ARG A 620 -17.44 41.31 11.61
N TRP A 621 -17.22 42.52 12.13
CA TRP A 621 -18.23 43.30 12.83
C TRP A 621 -18.61 44.57 12.11
N PHE A 622 -17.58 45.35 11.79
CA PHE A 622 -17.80 46.57 10.98
C PHE A 622 -18.08 46.03 9.60
N ASP A 623 -18.36 44.74 9.53
CA ASP A 623 -18.78 44.13 8.25
C ASP A 623 -19.69 42.96 8.60
N GLU A 624 -20.88 42.92 8.00
CA GLU A 624 -21.91 41.92 8.37
C GLU A 624 -22.64 42.28 9.66
N GLY A 625 -22.15 43.26 10.41
CA GLY A 625 -22.95 43.97 11.38
C GLY A 625 -23.26 43.32 12.72
N GLU A 626 -23.36 41.99 12.77
CA GLU A 626 -24.11 41.33 13.84
C GLU A 626 -23.36 41.34 15.17
N THR A 627 -24.11 41.08 16.24
CA THR A 627 -23.60 41.13 17.61
C THR A 627 -22.69 39.96 17.93
N SER A 628 -22.90 38.79 17.31
CA SER A 628 -22.13 37.59 17.66
C SER A 628 -20.67 37.70 17.26
N HIS A 629 -20.34 38.57 16.31
CA HIS A 629 -18.93 38.91 16.08
C HIS A 629 -18.52 40.14 16.86
N LEU A 630 -18.88 40.16 18.14
CA LEU A 630 -18.34 41.07 19.13
C LEU A 630 -18.06 40.35 20.43
N VAL A 631 -18.75 39.24 20.69
CA VAL A 631 -18.40 38.36 21.79
C VAL A 631 -17.35 37.34 21.34
N ASN A 632 -17.19 37.14 20.04
CA ASN A 632 -16.03 36.44 19.51
C ASN A 632 -14.76 37.26 19.72
N LEU A 633 -14.85 38.57 19.46
CA LEU A 633 -13.74 39.48 19.66
C LEU A 633 -13.31 39.53 21.11
N GLY A 634 -14.27 39.39 22.02
CA GLY A 634 -13.98 39.39 23.43
C GLY A 634 -13.19 38.18 23.87
N LYS A 635 -13.29 37.08 23.11
CA LYS A 635 -12.74 35.81 23.55
C LYS A 635 -11.21 35.78 23.51
N TYR A 636 -10.61 36.52 22.58
CA TYR A 636 -9.17 36.54 22.45
C TYR A 636 -8.54 37.68 23.26
N VAL A 637 -9.30 38.75 23.49
CA VAL A 637 -8.89 39.82 24.38
C VAL A 637 -8.93 39.27 25.80
N SER A 638 -9.80 38.30 26.05
CA SER A 638 -9.80 37.59 27.33
C SER A 638 -8.52 36.84 27.60
N ALA A 639 -8.01 36.05 26.66
CA ALA A 639 -6.70 35.42 26.83
C ALA A 639 -5.58 36.26 26.21
N MET A 640 -5.60 37.52 26.50
CA MET A 640 -4.53 38.49 26.30
C MET A 640 -4.36 39.35 27.53
N LEU A 641 -5.39 39.45 28.36
CA LEU A 641 -5.29 40.01 29.69
C LEU A 641 -4.90 38.97 30.70
N ALA A 642 -5.37 37.73 30.54
CA ALA A 642 -5.09 36.67 31.50
C ALA A 642 -3.63 36.25 31.52
N ALA A 643 -2.92 36.41 30.41
CA ALA A 643 -1.47 36.30 30.43
C ALA A 643 -0.79 37.66 30.56
N GLY A 644 -1.52 38.74 30.31
CA GLY A 644 -1.02 40.07 30.61
C GLY A 644 -0.90 40.37 32.09
N THR A 645 -1.58 39.58 32.93
CA THR A 645 -1.36 39.68 34.37
C THR A 645 -0.10 38.95 34.81
N LYS A 646 0.34 37.95 34.04
CA LYS A 646 1.61 37.29 34.35
C LYS A 646 2.79 38.20 34.02
N VAL A 647 2.61 39.15 33.11
CA VAL A 647 3.61 40.18 32.87
C VAL A 647 3.83 41.01 34.14
N ALA A 648 2.76 41.29 34.87
CA ALA A 648 2.85 41.96 36.15
C ALA A 648 2.76 41.01 37.34
N TYR A 649 3.23 39.77 37.19
CA TYR A 649 3.35 38.85 38.30
C TYR A 649 4.79 38.49 38.63
N GLU A 650 5.73 38.69 37.69
CA GLU A 650 7.15 38.45 37.96
C GLU A 650 7.66 39.39 39.04
N LYS A 651 7.11 40.60 39.10
CA LYS A 651 7.25 41.49 40.23
C LYS A 651 5.98 41.41 41.06
N GLU A 652 6.05 42.00 42.26
CA GLU A 652 4.96 42.12 43.26
C GLU A 652 4.19 40.81 43.46
N ARG A 653 4.95 39.71 43.50
CA ARG A 653 4.43 38.37 43.76
C ARG A 653 3.98 38.30 45.21
N SER A 654 2.66 38.41 45.41
CA SER A 654 2.11 38.72 46.73
C SER A 654 0.67 38.24 46.74
N LEU A 655 -0.13 38.77 47.66
CA LEU A 655 -1.58 38.68 47.57
C LEU A 655 -2.18 39.85 46.79
N GLY A 656 -1.42 40.38 45.84
CA GLY A 656 -1.85 41.46 44.97
C GLY A 656 -2.24 40.89 43.62
N TRP A 657 -1.32 40.89 42.66
CA TRP A 657 -1.59 40.36 41.33
C TRP A 657 -1.36 38.84 41.29
N LEU A 658 -1.96 38.15 42.26
CA LEU A 658 -2.05 36.70 42.29
C LEU A 658 -3.45 36.22 42.61
N CYS A 659 -4.28 37.07 43.21
CA CYS A 659 -5.73 36.95 43.12
C CYS A 659 -6.28 37.59 41.85
N LEU A 660 -5.39 37.97 40.92
CA LEU A 660 -5.75 38.46 39.60
C LEU A 660 -5.39 37.48 38.50
N VAL A 661 -4.29 36.73 38.63
CA VAL A 661 -3.93 35.71 37.65
C VAL A 661 -4.66 34.40 37.94
N VAL A 662 -5.46 34.34 38.99
CA VAL A 662 -6.37 33.22 39.19
C VAL A 662 -7.75 33.75 38.76
N ALA A 663 -7.93 35.07 38.86
CA ALA A 663 -9.18 35.69 38.48
C ALA A 663 -9.37 35.70 36.97
N MET A 664 -8.46 36.36 36.24
CA MET A 664 -8.65 36.53 34.81
C MET A 664 -8.36 35.25 34.05
N SER A 665 -7.60 34.33 34.63
CA SER A 665 -7.26 33.11 33.92
C SER A 665 -8.32 32.03 34.06
N SER A 666 -9.27 32.18 34.99
CA SER A 666 -10.44 31.31 35.00
C SER A 666 -11.66 31.99 34.39
N VAL A 667 -11.65 33.31 34.29
CA VAL A 667 -12.60 34.00 33.42
C VAL A 667 -12.39 33.59 31.98
N ALA A 668 -11.12 33.46 31.58
CA ALA A 668 -10.81 33.04 30.21
C ALA A 668 -11.23 31.61 29.94
N THR A 669 -10.94 30.70 30.87
CA THR A 669 -11.05 29.27 30.58
C THR A 669 -12.50 28.80 30.57
N ILE A 670 -13.46 29.64 30.98
CA ILE A 670 -14.86 29.34 30.70
C ILE A 670 -15.31 30.04 29.41
N TYR A 671 -14.81 31.25 29.17
CA TYR A 671 -15.17 32.04 28.02
C TYR A 671 -14.55 31.52 26.73
N GLN A 672 -13.56 30.64 26.83
CA GLN A 672 -13.24 29.77 25.72
C GLN A 672 -14.05 28.48 25.74
N LEU A 673 -14.35 27.93 26.92
CA LEU A 673 -15.15 26.72 27.04
C LEU A 673 -16.62 26.92 26.71
N TYR A 674 -17.16 28.11 26.92
CA TYR A 674 -18.52 28.40 26.48
C TYR A 674 -18.60 28.39 24.95
N TRP A 675 -17.75 29.18 24.33
CA TRP A 675 -17.77 29.44 22.90
C TRP A 675 -17.48 28.22 22.05
N ASP A 676 -16.75 27.26 22.61
CA ASP A 676 -16.40 26.06 21.86
C ASP A 676 -17.63 25.22 21.58
N PHE A 677 -18.38 24.86 22.63
CA PHE A 677 -19.57 24.04 22.45
C PHE A 677 -20.74 24.82 21.88
N VAL A 678 -20.90 26.08 22.26
CA VAL A 678 -22.14 26.76 21.92
C VAL A 678 -22.05 27.35 20.53
N LYS A 679 -21.10 28.25 20.30
CA LYS A 679 -21.10 29.02 19.06
C LYS A 679 -20.09 28.54 18.05
N ASP A 680 -19.33 27.48 18.35
CA ASP A 680 -18.47 26.84 17.36
C ASP A 680 -18.92 25.42 17.05
N TRP A 681 -19.03 24.55 18.04
CA TRP A 681 -19.49 23.20 17.78
C TRP A 681 -20.99 23.14 17.61
N GLY A 682 -21.72 24.16 18.04
CA GLY A 682 -23.16 24.21 17.92
C GLY A 682 -23.91 23.39 18.93
N LEU A 683 -23.23 22.83 19.91
CA LEU A 683 -23.83 21.88 20.83
C LEU A 683 -24.45 22.63 22.02
N LEU A 684 -24.83 21.86 23.06
CA LEU A 684 -25.40 22.36 24.31
C LEU A 684 -26.68 23.15 24.09
N GLN A 685 -27.62 22.56 23.36
CA GLN A 685 -28.94 23.15 23.17
C GLN A 685 -29.95 22.33 23.97
N HIS A 686 -30.43 22.89 25.08
CA HIS A 686 -31.42 22.20 25.91
C HIS A 686 -32.76 22.05 25.22
N ASN A 687 -33.09 22.94 24.30
CA ASN A 687 -34.33 22.86 23.54
C ASN A 687 -34.12 21.95 22.33
N SER A 688 -33.94 20.66 22.63
CA SER A 688 -33.63 19.65 21.62
C SER A 688 -34.18 18.31 22.11
N ASN A 689 -34.11 17.33 21.21
CA ASN A 689 -34.49 15.96 21.54
C ASN A 689 -33.33 15.14 22.09
N ASN A 690 -32.14 15.70 22.15
CA ASN A 690 -30.95 15.02 22.65
C ASN A 690 -30.41 15.77 23.86
N PRO A 691 -30.03 15.04 24.92
CA PRO A 691 -29.51 15.71 26.11
C PRO A 691 -28.13 16.30 25.88
N TRP A 692 -28.03 17.63 26.00
CA TRP A 692 -26.82 18.45 25.89
C TRP A 692 -26.16 18.42 24.51
N LEU A 693 -26.78 17.82 23.50
CA LEU A 693 -26.36 17.91 22.11
C LEU A 693 -27.41 18.71 21.34
N ARG A 694 -27.24 18.78 20.02
CA ARG A 694 -28.19 19.47 19.17
C ARG A 694 -29.22 18.50 18.63
N ASN A 695 -30.02 18.95 17.67
CA ASN A 695 -31.07 18.12 17.10
C ASN A 695 -30.50 17.06 16.18
N GLN A 696 -29.86 17.50 15.10
CA GLN A 696 -29.40 16.61 14.04
C GLN A 696 -27.90 16.37 14.21
N LEU A 697 -27.48 15.13 13.97
CA LEU A 697 -26.08 14.77 14.10
C LEU A 697 -25.57 14.24 12.76
N MET A 698 -24.34 14.61 12.40
CA MET A 698 -23.70 14.12 11.19
C MET A 698 -22.80 12.92 11.45
N LEU A 699 -23.07 12.14 12.48
CA LEU A 699 -22.20 11.04 12.86
C LEU A 699 -23.05 9.95 13.49
N ARG A 700 -22.41 8.82 13.79
CA ARG A 700 -22.96 7.61 14.36
C ARG A 700 -23.22 7.80 15.85
N GLN A 701 -23.25 6.69 16.61
CA GLN A 701 -23.77 6.50 17.97
C GLN A 701 -23.56 7.65 18.95
N LYS A 702 -24.58 7.91 19.77
CA LYS A 702 -24.59 9.07 20.65
C LYS A 702 -23.79 8.82 21.93
N SER A 703 -22.56 8.36 21.78
CA SER A 703 -21.67 8.07 22.90
C SER A 703 -20.32 8.74 22.74
N ILE A 704 -19.80 8.81 21.51
CA ILE A 704 -18.52 9.50 21.28
C ILE A 704 -18.69 10.98 21.07
N TYR A 705 -19.93 11.47 21.02
CA TYR A 705 -20.14 12.91 21.03
C TYR A 705 -19.82 13.50 22.40
N TYR A 706 -20.22 12.80 23.46
CA TYR A 706 -19.98 13.26 24.82
C TYR A 706 -18.56 13.06 25.28
N PHE A 707 -17.84 12.09 24.69
CA PHE A 707 -16.44 11.89 25.03
C PHE A 707 -15.58 13.03 24.51
N SER A 708 -15.98 13.62 23.39
CA SER A 708 -15.25 14.78 22.87
C SER A 708 -15.64 16.07 23.59
N MET A 709 -16.66 16.04 24.43
CA MET A 709 -17.02 17.23 25.20
C MET A 709 -16.28 17.33 26.52
N VAL A 710 -15.72 16.24 27.01
CA VAL A 710 -14.96 16.27 28.26
C VAL A 710 -13.49 16.45 27.91
N LEU A 711 -13.13 16.14 26.66
CA LEU A 711 -11.76 16.33 26.21
C LEU A 711 -11.44 17.73 25.75
N ASN A 712 -12.42 18.62 25.68
CA ASN A 712 -12.09 20.02 25.48
C ASN A 712 -11.98 20.78 26.79
N LEU A 713 -12.19 20.11 27.92
CA LEU A 713 -12.05 20.71 29.24
C LEU A 713 -10.89 20.13 30.03
N VAL A 714 -10.66 18.83 29.94
CA VAL A 714 -9.43 18.22 30.42
C VAL A 714 -8.23 18.81 29.70
N LEU A 715 -8.30 18.93 28.38
CA LEU A 715 -7.18 19.41 27.59
C LEU A 715 -7.12 20.92 27.50
N ARG A 716 -7.93 21.65 28.24
CA ARG A 716 -7.64 23.08 28.32
C ARG A 716 -7.03 23.43 29.68
N LEU A 717 -6.53 22.44 30.42
CA LEU A 717 -5.52 22.66 31.43
C LEU A 717 -4.11 22.57 30.85
N ALA A 718 -3.98 21.93 29.69
CA ALA A 718 -2.73 22.02 28.93
C ALA A 718 -2.56 23.43 28.37
N TRP A 719 -3.58 23.95 27.70
CA TRP A 719 -3.73 25.39 27.51
C TRP A 719 -3.87 26.05 28.89
N LEU A 720 -3.40 27.30 28.99
CA LEU A 720 -3.20 28.09 30.21
C LEU A 720 -2.08 27.54 31.10
N GLN A 721 -1.48 26.43 30.72
CA GLN A 721 -0.22 26.09 31.34
C GLN A 721 0.86 26.44 30.35
N THR A 722 0.57 26.29 29.07
CA THR A 722 1.61 26.48 28.07
C THR A 722 1.65 27.93 27.62
N VAL A 723 0.68 28.74 28.05
CA VAL A 723 0.65 30.15 27.70
C VAL A 723 0.80 31.04 28.93
N LEU A 724 1.11 30.46 30.09
CA LEU A 724 1.56 31.26 31.23
C LEU A 724 2.95 30.85 31.68
N HIS A 725 3.50 29.77 31.14
CA HIS A 725 4.77 29.18 31.55
C HIS A 725 5.67 29.02 30.35
N SER A 726 5.92 30.13 29.66
CA SER A 726 6.79 30.22 28.48
C SER A 726 8.13 29.52 28.69
N SER A 727 8.37 28.47 27.90
CA SER A 727 9.35 27.47 28.27
C SER A 727 10.78 27.97 28.12
N PHE A 728 11.10 28.60 26.99
CA PHE A 728 12.45 29.15 26.89
C PHE A 728 12.48 30.62 27.28
N GLU A 729 12.06 30.91 28.50
CA GLU A 729 12.31 32.21 29.12
C GLU A 729 12.72 31.97 30.56
N HIS A 730 12.25 30.87 31.13
CA HIS A 730 12.40 30.58 32.55
C HIS A 730 12.49 29.06 32.72
N VAL A 731 12.07 28.57 33.90
CA VAL A 731 12.50 27.37 34.62
C VAL A 731 12.80 26.14 33.77
N ASP A 732 13.92 25.47 34.09
CA ASP A 732 14.57 24.49 33.23
C ASP A 732 13.90 23.13 33.19
N TYR A 733 12.65 23.01 33.62
CA TYR A 733 11.91 21.76 33.43
C TYR A 733 11.37 21.76 32.01
N ARG A 734 12.01 20.96 31.16
CA ARG A 734 11.88 21.10 29.71
C ARG A 734 10.88 20.16 29.07
N VAL A 735 10.78 18.93 29.57
CA VAL A 735 10.02 17.88 28.88
C VAL A 735 8.53 18.06 29.16
N THR A 736 8.19 18.88 30.16
CA THR A 736 6.80 19.26 30.35
C THR A 736 6.40 20.30 29.32
N GLY A 737 7.38 21.04 28.79
CA GLY A 737 7.11 22.06 27.81
C GLY A 737 6.97 21.51 26.41
N LEU A 738 7.22 20.22 26.24
CA LEU A 738 6.99 19.54 24.97
C LEU A 738 6.05 18.36 25.11
N PHE A 739 5.52 18.11 26.30
CA PHE A 739 4.45 17.14 26.44
C PHE A 739 3.09 17.80 26.53
N LEU A 740 2.93 18.78 27.41
CA LEU A 740 1.68 19.52 27.51
C LEU A 740 1.44 20.40 26.31
N ALA A 741 2.48 21.00 25.74
CA ALA A 741 2.35 21.79 24.53
C ALA A 741 2.06 20.95 23.30
N ALA A 742 2.31 19.65 23.35
CA ALA A 742 1.87 18.75 22.30
C ALA A 742 0.60 18.01 22.69
N LEU A 743 -0.15 18.56 23.65
CA LEU A 743 -1.51 18.13 23.93
C LEU A 743 -2.53 19.16 23.48
N GLU A 744 -2.20 20.44 23.58
CA GLU A 744 -3.03 21.47 22.99
C GLU A 744 -3.04 21.38 21.47
N VAL A 745 -1.94 20.97 20.85
CA VAL A 745 -1.94 20.67 19.42
C VAL A 745 -2.74 19.41 19.11
N ILE A 746 -2.93 18.51 20.08
CA ILE A 746 -3.83 17.37 19.91
C ILE A 746 -5.26 17.76 20.23
N ARG A 747 -5.46 18.76 21.09
CA ARG A 747 -6.81 19.24 21.40
C ARG A 747 -7.48 19.85 20.18
N ARG A 748 -6.87 20.85 19.57
CA ARG A 748 -7.35 21.31 18.28
C ARG A 748 -6.94 20.27 17.27
N GLY A 749 -7.90 19.69 16.58
CA GLY A 749 -7.64 18.51 15.81
C GLY A 749 -8.86 17.66 15.99
N GLN A 750 -9.50 17.79 17.15
CA GLN A 750 -10.90 17.42 17.27
C GLN A 750 -11.80 18.65 17.32
N TRP A 751 -11.25 19.81 17.62
CA TRP A 751 -12.00 21.03 17.40
C TRP A 751 -12.22 21.28 15.93
N ASN A 752 -11.26 20.90 15.07
CA ASN A 752 -11.44 21.10 13.64
C ASN A 752 -12.57 20.25 13.09
N PHE A 753 -12.79 19.09 13.71
CA PHE A 753 -13.88 18.23 13.27
C PHE A 753 -15.24 18.87 13.55
N TYR A 754 -15.51 19.17 14.82
CA TYR A 754 -16.82 19.62 15.23
C TYR A 754 -17.05 21.09 14.94
N ARG A 755 -16.07 21.80 14.41
CA ARG A 755 -16.36 23.11 13.88
C ARG A 755 -16.83 23.02 12.43
N LEU A 756 -16.32 22.08 11.65
CA LEU A 756 -16.77 21.89 10.28
C LEU A 756 -18.05 21.08 10.17
N GLU A 757 -18.25 20.09 11.03
CA GLU A 757 -19.53 19.39 11.09
C GLU A 757 -20.66 20.35 11.42
N ASN A 758 -20.41 21.24 12.38
CA ASN A 758 -21.40 22.26 12.74
C ASN A 758 -21.66 23.23 11.62
N GLU A 759 -20.62 23.74 10.96
CA GLU A 759 -20.87 24.67 9.87
C GLU A 759 -20.99 23.95 8.53
N HIS A 760 -21.36 22.67 8.52
CA HIS A 760 -22.06 22.05 7.40
C HIS A 760 -23.49 21.69 7.74
N LEU A 761 -23.75 21.13 8.93
CA LEU A 761 -25.11 20.96 9.41
C LEU A 761 -25.77 22.28 9.79
N ASN A 762 -25.04 23.38 9.73
CA ASN A 762 -25.64 24.70 9.62
C ASN A 762 -25.08 25.48 8.44
N ASN A 763 -24.77 24.75 7.36
CA ASN A 763 -24.63 25.27 6.00
C ASN A 763 -25.68 24.73 5.05
N ALA A 764 -26.18 23.51 5.30
CA ALA A 764 -27.39 22.90 4.71
C ALA A 764 -27.28 22.53 3.23
N GLY A 765 -26.12 22.76 2.61
CA GLY A 765 -25.86 22.30 1.25
C GLY A 765 -24.97 21.08 1.23
N LYS A 766 -24.94 20.33 0.12
CA LYS A 766 -24.19 19.08 0.06
C LYS A 766 -23.42 18.95 -1.26
N PHE A 767 -22.73 20.03 -1.63
CA PHE A 767 -22.03 20.14 -2.91
C PHE A 767 -20.78 19.26 -2.90
N ARG A 768 -20.93 17.96 -3.11
CA ARG A 768 -19.75 17.11 -3.27
C ARG A 768 -19.41 16.96 -4.76
N ALA A 769 -18.29 17.58 -5.14
CA ALA A 769 -17.64 17.21 -6.40
C ALA A 769 -17.10 15.80 -6.23
N VAL A 770 -16.86 15.10 -7.34
CA VAL A 770 -16.89 13.65 -7.41
C VAL A 770 -15.93 12.96 -6.45
N LYS A 771 -16.51 12.28 -5.45
CA LYS A 771 -15.73 11.52 -4.49
C LYS A 771 -16.14 10.04 -4.54
N THR A 772 -17.42 9.78 -4.30
CA THR A 772 -17.97 8.43 -4.26
C THR A 772 -19.44 8.42 -4.65
N GLN B 11 -33.43 -1.57 -10.09
CA GLN B 11 -32.93 -1.73 -11.45
C GLN B 11 -32.51 -3.18 -11.70
N LEU B 12 -33.35 -3.91 -12.43
CA LEU B 12 -33.00 -5.28 -12.81
C LEU B 12 -31.95 -5.28 -13.92
N VAL B 13 -32.06 -4.34 -14.86
CA VAL B 13 -31.05 -4.14 -15.90
C VAL B 13 -30.57 -2.70 -15.77
N PRO B 14 -29.33 -2.39 -16.16
CA PRO B 14 -28.89 -0.99 -16.13
C PRO B 14 -29.61 -0.15 -17.18
N GLU B 15 -30.46 0.76 -16.72
CA GLU B 15 -31.29 1.57 -17.60
C GLU B 15 -31.05 3.05 -17.30
N TRP B 16 -29.99 3.58 -17.90
CA TRP B 16 -29.88 5.02 -18.18
C TRP B 16 -29.16 5.07 -19.53
N LYS B 17 -29.93 5.12 -20.61
CA LYS B 17 -29.28 4.96 -21.90
C LYS B 17 -29.14 6.28 -22.64
N ASP B 18 -30.24 7.00 -22.83
CA ASP B 18 -30.10 8.39 -23.23
C ASP B 18 -29.59 9.26 -22.09
N ALA B 19 -29.82 8.84 -20.84
CA ALA B 19 -29.37 9.55 -19.65
C ALA B 19 -27.98 9.10 -19.21
N PHE B 20 -27.19 8.52 -20.10
CA PHE B 20 -25.80 8.21 -19.80
C PHE B 20 -24.99 9.49 -20.03
N VAL B 21 -23.71 9.44 -19.68
CA VAL B 21 -22.72 10.44 -20.06
C VAL B 21 -22.81 10.71 -21.55
N ASP B 22 -22.88 12.00 -21.91
CA ASP B 22 -23.05 12.36 -23.31
C ASP B 22 -21.76 13.00 -23.80
N TYR B 23 -20.64 12.37 -23.46
CA TYR B 23 -19.32 12.83 -23.91
C TYR B 23 -19.13 12.66 -25.41
N SER B 24 -19.98 11.88 -26.07
CA SER B 24 -19.95 11.74 -27.51
C SER B 24 -20.61 12.94 -28.21
N GLN B 25 -21.87 13.22 -27.85
CA GLN B 25 -22.68 14.13 -28.65
C GLN B 25 -22.30 15.59 -28.46
N LEU B 26 -21.86 15.96 -27.26
CA LEU B 26 -21.67 17.38 -26.96
C LEU B 26 -20.40 17.93 -27.60
N LYS B 27 -19.37 17.09 -27.73
CA LYS B 27 -18.10 17.59 -28.26
C LYS B 27 -18.11 17.75 -29.77
N LYS B 28 -18.96 17.00 -30.48
CA LYS B 28 -19.01 17.20 -31.93
C LYS B 28 -19.82 18.44 -32.27
N ASP B 29 -20.69 18.88 -31.38
CA ASP B 29 -21.23 20.24 -31.45
C ASP B 29 -20.17 21.26 -31.07
N LEU B 30 -19.27 20.91 -30.15
CA LEU B 30 -18.09 21.74 -29.90
C LEU B 30 -17.10 21.63 -31.04
N LYS B 31 -17.15 20.55 -31.82
CA LYS B 31 -16.45 20.55 -33.10
C LYS B 31 -17.18 21.43 -34.12
N LYS B 32 -18.48 21.69 -33.90
CA LYS B 32 -19.24 22.48 -34.87
C LYS B 32 -19.14 23.98 -34.63
N ILE B 33 -18.83 24.41 -33.41
CA ILE B 33 -18.48 25.82 -33.23
C ILE B 33 -17.05 26.06 -33.72
N HIS B 34 -16.24 24.99 -33.75
CA HIS B 34 -14.87 25.06 -34.26
C HIS B 34 -14.84 25.36 -35.77
N LEU B 35 -15.80 24.83 -36.53
CA LEU B 35 -15.85 25.14 -37.96
C LEU B 35 -16.51 26.49 -38.22
N PHE B 36 -17.11 27.10 -37.19
CA PHE B 36 -17.64 28.45 -37.31
C PHE B 36 -16.57 29.50 -37.02
N THR B 37 -15.45 29.10 -36.41
CA THR B 37 -14.40 30.05 -36.03
C THR B 37 -13.68 30.59 -37.26
N ASN B 38 -13.32 29.70 -38.20
CA ASN B 38 -12.69 30.16 -39.42
C ASN B 38 -13.70 30.53 -40.48
N GLY B 39 -14.94 30.06 -40.34
CA GLY B 39 -15.99 30.34 -41.31
C GLY B 39 -16.58 31.74 -41.17
N VAL B 73 -18.18 33.37 -19.45
CA VAL B 73 -18.76 33.43 -20.79
C VAL B 73 -20.28 33.55 -20.63
N ILE B 74 -20.78 33.14 -19.47
CA ILE B 74 -22.22 33.20 -19.20
C ILE B 74 -22.46 33.50 -17.72
N GLN B 75 -23.43 34.36 -17.44
CA GLN B 75 -24.04 34.40 -16.11
C GLN B 75 -25.32 33.59 -16.19
N VAL B 76 -25.51 32.69 -15.22
CA VAL B 76 -26.57 31.69 -15.33
C VAL B 76 -27.83 32.25 -14.71
N HIS B 77 -28.91 32.31 -15.49
CA HIS B 77 -30.22 32.72 -15.01
C HIS B 77 -30.89 31.51 -14.36
N LYS B 78 -30.64 31.35 -13.06
CA LYS B 78 -31.15 30.22 -12.30
C LYS B 78 -32.65 30.35 -12.08
N LYS B 79 -33.43 29.54 -12.79
CA LYS B 79 -34.86 29.47 -12.54
C LYS B 79 -35.27 28.01 -12.43
N LEU B 80 -36.03 27.71 -11.39
CA LEU B 80 -36.63 26.40 -11.21
C LEU B 80 -37.95 26.35 -11.97
N ALA B 81 -38.68 25.24 -11.82
CA ALA B 81 -39.90 25.04 -12.59
C ALA B 81 -41.04 25.88 -12.03
N SER B 82 -41.81 26.48 -12.93
CA SER B 82 -43.02 27.21 -12.58
C SER B 82 -44.22 26.29 -12.41
N SER B 83 -44.05 24.99 -12.62
CA SER B 83 -45.10 24.00 -12.44
C SER B 83 -45.07 23.36 -11.05
N GLY B 84 -44.47 24.04 -10.07
CA GLY B 84 -44.34 23.47 -8.74
C GLY B 84 -43.33 22.34 -8.63
N SER B 85 -42.42 22.21 -9.58
CA SER B 85 -41.43 21.15 -9.59
C SER B 85 -40.03 21.77 -9.49
N ASN B 86 -39.02 20.92 -9.64
CA ASN B 86 -37.62 21.32 -9.53
C ASN B 86 -36.87 21.07 -10.83
N ASN B 87 -37.49 21.45 -11.95
CA ASN B 87 -36.85 21.32 -13.26
C ASN B 87 -35.91 22.49 -13.47
N ASP B 88 -34.61 22.22 -13.56
CA ASP B 88 -33.60 23.28 -13.63
C ASP B 88 -33.52 23.81 -15.04
N VAL B 89 -34.45 24.69 -15.40
CA VAL B 89 -34.47 25.31 -16.72
C VAL B 89 -33.60 26.57 -16.64
N TYR B 90 -32.42 26.51 -17.26
CA TYR B 90 -31.41 27.56 -17.13
C TYR B 90 -31.40 28.42 -18.38
N GLU B 91 -31.82 29.67 -18.23
CA GLU B 91 -31.79 30.63 -19.32
C GLU B 91 -30.35 31.17 -19.49
N THR B 92 -29.97 31.38 -20.74
CA THR B 92 -28.61 31.73 -21.12
C THR B 92 -28.48 33.25 -21.28
N GLU B 93 -27.26 33.76 -21.18
CA GLU B 93 -26.97 35.15 -21.50
C GLU B 93 -25.53 35.26 -22.01
N LEU B 94 -25.38 35.92 -23.16
CA LEU B 94 -24.07 36.21 -23.74
C LEU B 94 -23.74 37.67 -23.44
N LEU B 95 -22.56 37.92 -22.88
CA LEU B 95 -22.15 39.27 -22.49
C LEU B 95 -20.74 39.63 -22.94
N GLU B 96 -19.84 38.65 -23.03
CA GLU B 96 -18.40 38.91 -23.10
C GLU B 96 -17.83 38.92 -24.51
N LYS B 97 -18.69 39.15 -25.52
CA LYS B 97 -18.30 39.41 -26.91
C LYS B 97 -17.49 38.25 -27.51
N ILE B 98 -18.20 37.12 -27.67
CA ILE B 98 -17.55 35.89 -28.15
C ILE B 98 -17.14 36.03 -29.61
N ALA B 99 -18.11 36.27 -30.50
CA ALA B 99 -17.82 36.35 -31.92
C ALA B 99 -18.47 37.57 -32.57
N ASP B 100 -18.27 37.73 -33.88
CA ASP B 100 -18.90 38.84 -34.60
C ASP B 100 -20.40 38.62 -34.72
N ASP B 101 -20.83 37.37 -34.86
CA ASP B 101 -22.23 37.00 -34.72
C ASP B 101 -22.32 35.64 -34.05
N THR B 102 -22.94 35.62 -32.88
CA THR B 102 -22.95 34.43 -32.02
C THR B 102 -24.12 33.53 -32.41
N ASP B 103 -24.01 32.95 -33.60
CA ASP B 103 -24.96 31.96 -34.06
C ASP B 103 -24.65 30.56 -33.55
N ALA B 104 -23.39 30.27 -33.26
CA ALA B 104 -22.98 28.98 -32.72
C ALA B 104 -22.79 29.01 -31.22
N ALA B 105 -22.77 30.19 -30.60
CA ALA B 105 -22.70 30.27 -29.15
C ALA B 105 -24.01 29.82 -28.51
N LYS B 106 -25.13 30.02 -29.19
CA LYS B 106 -26.39 29.51 -28.67
C LYS B 106 -26.53 28.01 -28.94
N GLU B 107 -25.81 27.48 -29.94
CA GLU B 107 -25.77 26.04 -30.17
C GLU B 107 -25.04 25.33 -29.05
N PHE B 108 -24.09 26.01 -28.38
CA PHE B 108 -23.48 25.50 -27.16
C PHE B 108 -24.54 25.25 -26.09
N PHE B 109 -25.52 26.15 -25.98
CA PHE B 109 -26.57 26.02 -24.97
C PHE B 109 -27.90 25.58 -25.57
N ALA B 110 -27.97 25.27 -26.85
CA ALA B 110 -29.19 24.69 -27.40
C ALA B 110 -29.38 23.24 -26.98
N CYS B 111 -28.30 22.58 -26.56
CA CYS B 111 -28.35 21.21 -26.10
C CYS B 111 -27.93 21.04 -24.65
N LEU B 112 -26.96 21.83 -24.17
CA LEU B 112 -26.36 21.61 -22.87
C LEU B 112 -27.32 21.84 -21.71
N ASP B 113 -28.17 22.86 -21.79
CA ASP B 113 -29.14 23.09 -20.74
C ASP B 113 -30.25 22.06 -20.77
N MET B 114 -30.45 21.40 -21.91
CA MET B 114 -31.31 20.22 -21.93
C MET B 114 -30.65 19.03 -21.25
N GLN B 115 -29.32 18.93 -21.29
CA GLN B 115 -28.63 17.89 -20.53
C GLN B 115 -28.72 18.11 -19.04
N LEU B 116 -28.92 19.35 -18.59
CA LEU B 116 -29.25 19.60 -17.20
C LEU B 116 -30.59 18.98 -16.85
N ASN B 117 -31.58 19.19 -17.72
CA ASN B 117 -32.92 18.64 -17.46
C ASN B 117 -32.95 17.14 -17.61
N LYS B 118 -32.16 16.61 -18.56
CA LYS B 118 -32.16 15.18 -18.88
C LYS B 118 -31.72 14.34 -17.69
N VAL B 119 -30.76 14.83 -16.92
CA VAL B 119 -30.45 14.19 -15.65
C VAL B 119 -31.49 14.56 -14.59
N ASN B 120 -32.05 15.77 -14.65
CA ASN B 120 -32.89 16.24 -13.55
C ASN B 120 -34.32 15.70 -13.69
N GLN B 121 -34.79 15.50 -14.92
CA GLN B 121 -36.07 14.83 -15.09
C GLN B 121 -35.98 13.37 -14.70
N PHE B 122 -34.82 12.74 -14.87
CA PHE B 122 -34.71 11.32 -14.59
C PHE B 122 -34.42 11.06 -13.12
N TYR B 123 -33.42 11.77 -12.56
CA TYR B 123 -32.99 11.53 -11.17
C TYR B 123 -34.12 11.85 -10.19
N LYS B 124 -34.91 12.88 -10.47
CA LYS B 124 -36.08 13.14 -9.64
C LYS B 124 -37.10 12.03 -9.78
N THR B 125 -37.28 11.50 -10.99
CA THR B 125 -38.23 10.42 -11.19
C THR B 125 -37.65 9.09 -10.73
N LYS B 126 -36.35 8.88 -10.92
CA LYS B 126 -35.71 7.68 -10.39
C LYS B 126 -35.67 7.68 -8.88
N GLU B 127 -35.51 8.85 -8.26
CA GLU B 127 -35.76 8.95 -6.83
C GLU B 127 -37.24 8.76 -6.52
N LYS B 128 -38.13 9.29 -7.35
CA LYS B 128 -39.56 9.09 -7.14
C LYS B 128 -39.96 7.64 -7.29
N GLU B 129 -39.34 6.93 -8.24
CA GLU B 129 -39.52 5.49 -8.31
C GLU B 129 -38.91 4.81 -7.10
N PHE B 130 -37.76 5.29 -6.65
CA PHE B 130 -37.16 4.77 -5.42
C PHE B 130 -37.75 5.39 -4.17
N LEU B 131 -38.64 6.38 -4.30
CA LEU B 131 -39.57 6.65 -3.20
C LEU B 131 -40.73 5.67 -3.23
N GLU B 132 -41.24 5.37 -4.42
CA GLU B 132 -42.24 4.31 -4.56
C GLU B 132 -41.61 2.97 -4.23
N ARG B 133 -40.34 2.79 -4.56
CA ARG B 133 -39.53 1.73 -3.98
C ARG B 133 -38.75 2.20 -2.77
N GLY B 134 -39.34 3.09 -1.96
CA GLY B 134 -38.78 3.45 -0.68
C GLY B 134 -39.81 3.55 0.43
N GLU B 135 -41.09 3.44 0.09
CA GLU B 135 -42.13 3.43 1.11
C GLU B 135 -43.03 2.19 1.08
N CYS B 136 -43.18 1.51 -0.06
CA CYS B 136 -43.87 0.22 -0.04
C CYS B 136 -43.03 -0.85 0.64
N LEU B 137 -41.72 -0.68 0.65
CA LEU B 137 -40.87 -1.59 1.41
C LEU B 137 -40.96 -1.32 2.91
N LYS B 138 -41.26 -0.10 3.32
CA LYS B 138 -41.50 0.18 4.74
C LYS B 138 -42.72 -0.58 5.24
N LYS B 139 -43.74 -0.72 4.39
CA LYS B 139 -44.90 -1.52 4.76
C LYS B 139 -44.63 -3.00 4.58
N GLN B 140 -43.79 -3.37 3.60
CA GLN B 140 -43.50 -4.79 3.36
C GLN B 140 -42.61 -5.38 4.45
N MET B 141 -41.63 -4.61 4.96
CA MET B 141 -40.91 -5.07 6.12
C MET B 141 -41.64 -4.82 7.43
N ASP B 142 -42.79 -4.15 7.40
CA ASP B 142 -43.55 -3.96 8.64
C ASP B 142 -44.35 -5.19 9.02
N ILE B 143 -44.80 -5.98 8.03
CA ILE B 143 -45.43 -7.25 8.36
C ILE B 143 -44.36 -8.25 8.79
N LEU B 144 -43.11 -8.03 8.35
CA LEU B 144 -41.97 -8.79 8.85
C LEU B 144 -41.76 -8.58 10.34
N ILE B 145 -41.99 -7.35 10.82
CA ILE B 145 -41.94 -7.04 12.24
C ILE B 145 -42.94 -7.88 13.02
N GLU B 146 -44.12 -8.13 12.46
CA GLU B 146 -45.10 -9.01 13.10
C GLU B 146 -44.62 -10.46 13.08
N LEU B 147 -43.85 -10.83 12.05
CA LEU B 147 -43.32 -12.19 12.00
C LEU B 147 -42.06 -12.33 12.86
N LYS B 148 -41.14 -11.39 12.76
CA LYS B 148 -39.86 -11.48 13.46
C LYS B 148 -39.96 -11.12 14.94
N ASP B 149 -41.16 -10.80 15.44
CA ASP B 149 -41.38 -10.69 16.86
C ASP B 149 -41.91 -11.97 17.50
N ALA B 150 -42.70 -12.75 16.77
CA ALA B 150 -43.35 -13.92 17.36
C ALA B 150 -42.59 -15.22 17.14
N PHE B 151 -41.42 -15.18 16.49
CA PHE B 151 -40.76 -16.44 16.14
C PHE B 151 -40.06 -17.05 17.34
N LYS B 152 -39.80 -16.26 18.38
CA LYS B 152 -39.25 -16.80 19.61
C LYS B 152 -40.27 -16.78 20.75
N GLN B 153 -41.31 -15.97 20.63
CA GLN B 153 -42.41 -16.01 21.60
C GLN B 153 -43.19 -17.32 21.43
N LYS B 154 -43.61 -17.62 20.21
CA LYS B 154 -44.39 -18.83 19.93
C LYS B 154 -43.53 -20.10 19.89
N GLN B 155 -42.21 -19.97 19.77
CA GLN B 155 -41.35 -21.13 19.93
C GLN B 155 -41.35 -21.59 21.37
N ALA B 156 -41.50 -20.65 22.31
CA ALA B 156 -41.67 -20.99 23.71
C ALA B 156 -43.09 -21.48 24.03
N ASN B 157 -44.04 -21.31 23.11
CA ASN B 157 -45.39 -21.77 23.33
C ASN B 157 -45.66 -23.06 22.56
N LYS B 280 -44.04 -22.94 9.24
CA LYS B 280 -42.77 -23.20 8.58
C LYS B 280 -42.52 -22.19 7.46
N LYS B 281 -43.38 -21.17 7.39
CA LYS B 281 -43.27 -20.11 6.41
C LYS B 281 -42.25 -19.05 6.80
N LEU B 282 -41.59 -19.20 7.95
CA LEU B 282 -40.59 -18.23 8.38
C LEU B 282 -39.37 -18.27 7.48
N SER B 283 -39.00 -19.45 6.98
CA SER B 283 -37.90 -19.56 6.04
C SER B 283 -38.30 -19.13 4.64
N HIS B 284 -39.58 -19.27 4.28
CA HIS B 284 -40.06 -18.71 3.02
C HIS B 284 -40.07 -17.19 3.08
N ALA B 285 -40.24 -16.62 4.27
CA ALA B 285 -40.23 -15.18 4.46
C ALA B 285 -38.87 -14.55 4.23
N GLU B 286 -37.79 -15.33 4.29
CA GLU B 286 -36.44 -14.76 4.13
C GLU B 286 -36.19 -14.36 2.68
N LYS B 287 -36.47 -15.28 1.73
CA LYS B 287 -36.32 -15.00 0.31
C LYS B 287 -37.26 -13.87 -0.14
N MET B 288 -38.38 -13.69 0.57
CA MET B 288 -39.26 -12.56 0.31
C MET B 288 -38.59 -11.22 0.59
N ILE B 289 -37.57 -11.19 1.45
CA ILE B 289 -36.86 -9.95 1.73
C ILE B 289 -35.37 -10.01 1.42
N LYS B 290 -34.78 -11.20 1.30
CA LYS B 290 -33.39 -11.28 0.84
C LYS B 290 -33.24 -10.76 -0.58
N GLY B 291 -33.87 -11.45 -1.54
CA GLY B 291 -33.77 -11.06 -2.94
C GLY B 291 -34.37 -9.72 -3.26
N ALA B 292 -35.28 -9.22 -2.42
CA ALA B 292 -35.75 -7.85 -2.57
C ALA B 292 -34.64 -6.86 -2.28
N LEU B 293 -34.12 -6.86 -1.05
CA LEU B 293 -33.23 -5.81 -0.61
C LEU B 293 -31.76 -6.08 -0.93
N THR B 294 -31.44 -7.14 -1.68
CA THR B 294 -30.07 -7.28 -2.17
C THR B 294 -29.79 -6.31 -3.30
N GLU B 295 -30.53 -6.41 -4.40
CA GLU B 295 -30.29 -5.54 -5.54
C GLU B 295 -31.01 -4.20 -5.43
N LEU B 296 -31.94 -4.07 -4.49
CA LEU B 296 -32.55 -2.78 -4.24
C LEU B 296 -31.54 -1.81 -3.63
N PHE B 297 -30.59 -2.35 -2.85
CA PHE B 297 -29.40 -1.57 -2.53
C PHE B 297 -28.62 -1.23 -3.78
N LYS B 298 -28.42 -2.22 -4.66
CA LYS B 298 -27.59 -1.98 -5.83
C LYS B 298 -28.28 -1.11 -6.86
N GLY B 299 -29.61 -0.97 -6.77
CA GLY B 299 -30.28 0.07 -7.53
C GLY B 299 -29.89 1.47 -7.08
N LEU B 300 -29.58 1.61 -5.79
CA LEU B 300 -29.07 2.88 -5.28
C LEU B 300 -27.59 3.04 -5.56
N ASN B 301 -26.80 1.97 -5.45
CA ASN B 301 -25.39 2.04 -5.85
C ASN B 301 -25.23 2.28 -7.34
N TYR B 302 -26.19 1.84 -8.16
CA TYR B 302 -26.20 2.28 -9.55
C TYR B 302 -26.55 3.76 -9.64
N LEU B 303 -27.45 4.22 -8.76
CA LEU B 303 -27.87 5.62 -8.79
C LEU B 303 -26.78 6.56 -8.30
N LYS B 304 -25.96 6.11 -7.34
CA LYS B 304 -24.77 6.89 -7.00
C LYS B 304 -23.76 6.86 -8.15
N THR B 305 -23.61 5.70 -8.79
CA THR B 305 -22.76 5.60 -9.97
C THR B 305 -23.35 6.39 -11.13
N TYR B 306 -24.68 6.50 -11.18
CA TYR B 306 -25.31 7.42 -12.11
C TYR B 306 -24.94 8.87 -11.80
N ARG B 307 -24.88 9.21 -10.51
CA ARG B 307 -24.56 10.59 -10.12
C ARG B 307 -23.10 10.90 -10.39
N ASN B 308 -22.20 9.99 -10.01
CA ASN B 308 -20.76 10.20 -10.16
C ASN B 308 -20.35 10.31 -11.61
N LEU B 309 -20.89 9.44 -12.47
CA LEU B 309 -20.57 9.49 -13.90
C LEU B 309 -21.09 10.76 -14.55
N ASN B 310 -22.22 11.28 -14.08
CA ASN B 310 -22.71 12.55 -14.58
C ASN B 310 -21.89 13.73 -14.10
N ILE B 311 -21.34 13.68 -12.87
CA ILE B 311 -20.31 14.63 -12.50
C ILE B 311 -19.04 14.37 -13.30
N LEU B 312 -18.71 13.09 -13.53
CA LEU B 312 -17.63 12.76 -14.44
C LEU B 312 -17.96 13.10 -15.88
N ALA B 313 -19.25 13.23 -16.22
CA ALA B 313 -19.61 13.84 -17.49
C ALA B 313 -19.35 15.34 -17.44
N PHE B 314 -20.08 16.04 -16.58
CA PHE B 314 -20.19 17.50 -16.67
C PHE B 314 -18.90 18.22 -16.30
N MET B 315 -17.98 17.55 -15.60
CA MET B 315 -16.66 18.14 -15.40
C MET B 315 -15.77 17.91 -16.62
N ASN B 316 -15.82 16.70 -17.18
CA ASN B 316 -14.88 16.28 -18.22
C ASN B 316 -15.42 16.50 -19.63
N ILE B 317 -16.50 17.24 -19.79
CA ILE B 317 -16.91 17.70 -21.11
C ILE B 317 -16.38 19.09 -21.42
N LEU B 318 -15.43 19.60 -20.64
CA LEU B 318 -15.00 20.99 -20.75
C LEU B 318 -13.48 21.12 -20.78
N LYS B 319 -12.76 20.09 -21.23
CA LYS B 319 -11.31 20.19 -21.32
C LYS B 319 -10.88 21.16 -22.42
N LYS B 320 -11.34 20.91 -23.64
CA LYS B 320 -10.88 21.70 -24.78
C LYS B 320 -11.57 23.06 -24.91
N PHE B 321 -12.66 23.28 -24.16
CA PHE B 321 -13.27 24.60 -24.15
C PHE B 321 -12.49 25.59 -23.29
N ASP B 322 -11.72 25.11 -22.31
CA ASP B 322 -10.84 25.96 -21.54
C ASP B 322 -9.46 26.13 -22.18
N LYS B 323 -9.34 25.82 -23.46
CA LYS B 323 -8.15 26.13 -24.24
C LYS B 323 -8.47 27.00 -25.45
N VAL B 324 -9.59 26.75 -26.13
CA VAL B 324 -9.95 27.52 -27.32
C VAL B 324 -10.60 28.84 -26.88
N THR B 325 -11.14 28.87 -25.66
CA THR B 325 -11.65 30.12 -25.10
C THR B 325 -10.91 30.52 -23.83
N GLY B 326 -10.65 29.56 -22.94
CA GLY B 326 -9.77 29.78 -21.80
C GLY B 326 -10.29 30.70 -20.71
N LYS B 327 -11.32 30.26 -19.98
CA LYS B 327 -11.89 31.09 -18.93
C LYS B 327 -11.95 30.37 -17.59
N GLN B 328 -12.63 30.97 -16.62
CA GLN B 328 -12.85 30.36 -15.31
C GLN B 328 -14.22 29.70 -15.20
N ILE B 329 -14.72 29.13 -16.30
CA ILE B 329 -16.09 28.63 -16.34
C ILE B 329 -16.24 27.25 -15.72
N LEU B 330 -15.14 26.50 -15.56
CA LEU B 330 -15.26 25.13 -15.05
C LEU B 330 -15.68 25.03 -13.58
N PRO B 331 -15.45 25.99 -12.68
CA PRO B 331 -16.23 26.00 -11.44
C PRO B 331 -17.51 26.84 -11.50
N ILE B 332 -17.63 27.77 -12.44
CA ILE B 332 -18.82 28.62 -12.50
C ILE B 332 -20.01 27.83 -13.02
N TYR B 333 -19.82 27.13 -14.14
CA TYR B 333 -20.81 26.19 -14.65
C TYR B 333 -21.09 25.06 -13.66
N LEU B 334 -20.09 24.64 -12.88
CA LEU B 334 -20.25 23.49 -12.01
C LEU B 334 -21.20 23.77 -10.85
N LYS B 335 -21.40 25.04 -10.49
CA LYS B 335 -22.27 25.36 -9.37
C LYS B 335 -23.73 25.53 -9.75
N VAL B 336 -24.12 25.30 -11.01
CA VAL B 336 -25.50 24.94 -11.30
C VAL B 336 -25.63 23.45 -11.55
N VAL B 337 -24.52 22.73 -11.63
CA VAL B 337 -24.49 21.28 -11.68
C VAL B 337 -24.53 20.69 -10.28
N GLU B 338 -23.64 21.15 -9.40
CA GLU B 338 -23.61 20.62 -8.05
C GLU B 338 -24.78 21.10 -7.21
N SER B 339 -25.31 22.30 -7.50
CA SER B 339 -26.50 22.79 -6.84
C SER B 339 -27.79 22.27 -7.44
N SER B 340 -27.71 21.53 -8.55
CA SER B 340 -28.91 20.87 -9.03
C SER B 340 -29.26 19.70 -8.14
N TYR B 341 -30.48 19.18 -8.32
CA TYR B 341 -31.11 18.33 -7.32
C TYR B 341 -30.36 17.02 -7.12
N PHE B 342 -29.63 16.57 -8.13
CA PHE B 342 -28.97 15.27 -8.01
C PHE B 342 -27.69 15.32 -7.17
N ASN B 343 -27.14 16.51 -6.92
CA ASN B 343 -26.05 16.63 -5.96
C ASN B 343 -26.32 17.56 -4.79
N ILE B 344 -27.25 18.52 -4.92
CA ILE B 344 -27.54 19.40 -3.79
C ILE B 344 -28.33 18.64 -2.73
N SER B 345 -28.90 17.49 -3.08
CA SER B 345 -29.42 16.56 -2.11
C SER B 345 -28.49 15.37 -1.98
N ASP B 346 -28.72 14.58 -0.93
CA ASP B 346 -28.23 13.22 -0.76
C ASP B 346 -29.35 12.32 -0.27
N LYS B 347 -30.54 12.45 -0.87
CA LYS B 347 -31.67 11.66 -0.44
C LYS B 347 -31.55 10.20 -0.85
N VAL B 348 -30.67 9.88 -1.81
CA VAL B 348 -30.36 8.47 -2.05
C VAL B 348 -29.39 7.95 -0.99
N MET B 349 -28.64 8.84 -0.34
CA MET B 349 -27.62 8.43 0.63
C MET B 349 -28.18 8.24 2.03
N ILE B 350 -29.33 8.81 2.35
CA ILE B 350 -30.00 8.48 3.61
C ILE B 350 -30.58 7.07 3.50
N LEU B 351 -30.88 6.63 2.28
CA LEU B 351 -31.24 5.25 2.03
C LEU B 351 -30.05 4.30 2.07
N SER B 352 -28.82 4.82 2.00
CA SER B 352 -27.65 3.95 1.97
C SER B 352 -27.39 3.30 3.32
N ASP B 353 -27.85 3.94 4.40
CA ASP B 353 -27.83 3.31 5.71
C ASP B 353 -29.20 2.78 6.12
N GLU B 354 -30.26 3.22 5.45
CA GLU B 354 -31.60 2.70 5.68
C GLU B 354 -31.74 1.26 5.21
N VAL B 355 -31.00 0.86 4.18
CA VAL B 355 -31.10 -0.51 3.67
C VAL B 355 -30.55 -1.55 4.64
N GLU B 356 -29.68 -1.14 5.57
CA GLU B 356 -29.14 -2.06 6.55
C GLU B 356 -29.68 -1.83 7.95
N GLU B 357 -30.97 -1.50 8.11
CA GLU B 357 -31.51 -1.35 9.46
C GLU B 357 -31.97 -2.69 10.01
N TRP B 358 -32.54 -3.55 9.17
CA TRP B 358 -32.89 -4.89 9.58
C TRP B 358 -32.06 -5.96 8.91
N PHE B 359 -31.23 -5.57 7.93
CA PHE B 359 -30.38 -6.53 7.24
C PHE B 359 -29.24 -6.99 8.14
N ILE B 360 -28.73 -6.11 8.99
CA ILE B 360 -27.49 -6.43 9.69
C ILE B 360 -27.72 -7.24 10.97
N LYS B 361 -28.85 -7.04 11.66
CA LYS B 361 -28.91 -7.48 13.06
C LYS B 361 -29.75 -8.76 13.18
N HIS B 362 -30.72 -8.95 12.29
CA HIS B 362 -31.52 -10.17 12.36
C HIS B 362 -31.73 -10.88 11.04
N LEU B 363 -31.40 -10.29 9.90
CA LEU B 363 -31.60 -10.98 8.64
C LEU B 363 -30.46 -11.96 8.36
N ALA B 364 -29.25 -11.44 8.13
CA ALA B 364 -28.13 -12.29 7.75
C ALA B 364 -27.44 -12.94 8.94
N GLY B 365 -27.84 -12.58 10.15
CA GLY B 365 -27.18 -13.10 11.33
C GLY B 365 -26.52 -12.01 12.15
N GLU B 366 -25.36 -12.31 12.74
CA GLU B 366 -24.69 -11.35 13.60
C GLU B 366 -23.36 -10.85 13.04
N ASN B 367 -23.00 -11.22 11.82
CA ASN B 367 -21.67 -10.91 11.31
C ASN B 367 -21.66 -9.53 10.64
N ARG B 368 -20.50 -9.13 10.13
CA ARG B 368 -20.33 -7.90 9.38
C ARG B 368 -19.85 -8.12 7.96
N ARG B 369 -19.07 -9.17 7.73
CA ARG B 369 -18.58 -9.54 6.40
C ARG B 369 -19.50 -10.54 5.70
N LYS B 370 -20.12 -11.44 6.45
CA LYS B 370 -21.10 -12.35 5.88
C LYS B 370 -22.36 -11.60 5.45
N ALA B 371 -22.75 -10.56 6.19
CA ALA B 371 -23.86 -9.72 5.77
C ALA B 371 -23.49 -8.86 4.57
N MET B 372 -22.21 -8.57 4.39
CA MET B 372 -21.78 -7.75 3.27
C MET B 372 -21.67 -8.56 1.98
N LYS B 373 -21.32 -9.84 2.10
CA LYS B 373 -21.00 -10.64 0.92
C LYS B 373 -22.26 -11.03 0.15
N TYR B 374 -23.42 -11.03 0.81
CA TYR B 374 -24.67 -11.41 0.14
C TYR B 374 -25.16 -10.39 -0.89
N LEU B 375 -24.58 -9.19 -0.93
CA LEU B 375 -25.11 -8.19 -1.84
C LEU B 375 -24.02 -7.31 -2.46
N LYS B 376 -22.74 -7.70 -2.37
CA LYS B 376 -21.67 -6.86 -2.84
C LYS B 376 -20.92 -7.50 -4.01
N PRO B 377 -21.22 -7.13 -5.25
CA PRO B 377 -20.20 -7.26 -6.31
C PRO B 377 -19.29 -6.05 -6.26
N HIS B 378 -18.16 -6.09 -7.01
CA HIS B 378 -17.02 -5.19 -6.83
C HIS B 378 -16.60 -5.15 -5.36
N HIS B 379 -16.38 -6.34 -4.79
CA HIS B 379 -16.38 -6.62 -3.35
C HIS B 379 -15.45 -5.74 -2.52
N ARG B 380 -14.15 -5.86 -2.74
CA ARG B 380 -13.14 -5.18 -1.93
C ARG B 380 -11.80 -5.32 -2.65
N LYS B 381 -10.96 -4.28 -2.60
CA LYS B 381 -9.61 -4.41 -3.12
C LYS B 381 -8.72 -5.11 -2.10
N GLU B 382 -7.42 -5.09 -2.36
CA GLU B 382 -6.52 -5.73 -1.41
C GLU B 382 -6.38 -4.88 -0.16
N SER B 383 -6.34 -5.55 0.99
CA SER B 383 -6.13 -4.89 2.27
C SER B 383 -4.68 -4.45 2.33
N HIS B 384 -4.43 -3.16 2.09
CA HIS B 384 -3.07 -2.65 1.99
C HIS B 384 -2.52 -2.24 3.34
N SER B 385 -2.68 -3.13 4.32
CA SER B 385 -1.97 -3.08 5.58
C SER B 385 -0.74 -3.97 5.53
N VAL B 386 -0.34 -4.38 4.33
CA VAL B 386 0.89 -5.12 4.15
C VAL B 386 1.81 -4.44 3.15
N THR B 387 1.31 -3.52 2.32
CA THR B 387 2.22 -2.66 1.58
C THR B 387 2.83 -1.62 2.50
N PHE B 388 2.13 -1.28 3.57
CA PHE B 388 2.67 -0.40 4.59
C PHE B 388 3.70 -1.11 5.45
N PHE B 389 3.43 -2.34 5.84
CA PHE B 389 4.31 -3.07 6.75
C PHE B 389 5.55 -3.61 6.07
N ILE B 390 5.53 -3.77 4.74
CA ILE B 390 6.77 -3.85 3.97
C ILE B 390 7.54 -2.55 4.08
N GLY B 391 6.88 -1.40 3.94
CA GLY B 391 7.54 -0.13 3.98
C GLY B 391 7.99 0.30 5.36
N LEU B 392 7.22 -0.04 6.39
CA LEU B 392 7.58 0.31 7.76
C LEU B 392 8.90 -0.34 8.16
N PHE B 393 9.10 -1.58 7.74
CA PHE B 393 10.29 -2.33 8.11
C PHE B 393 11.41 -2.22 7.10
N THR B 394 11.12 -1.79 5.88
CA THR B 394 12.20 -1.40 4.96
C THR B 394 12.91 -0.17 5.48
N GLY B 395 12.16 0.87 5.85
CA GLY B 395 12.78 2.09 6.32
C GLY B 395 13.38 1.96 7.70
N CYS B 396 12.84 1.08 8.53
CA CYS B 396 13.38 0.89 9.86
C CYS B 396 14.72 0.15 9.82
N PHE B 397 14.88 -0.79 8.89
CA PHE B 397 16.15 -1.46 8.64
C PHE B 397 17.19 -0.54 8.03
N VAL B 398 16.81 0.29 7.05
CA VAL B 398 17.77 1.16 6.38
C VAL B 398 18.29 2.23 7.33
N ALA B 399 17.42 2.82 8.16
CA ALA B 399 17.85 3.85 9.08
C ALA B 399 18.58 3.31 10.30
N LEU B 400 18.32 2.07 10.71
CA LEU B 400 19.12 1.42 11.73
C LEU B 400 20.47 0.95 11.21
N LEU B 401 20.54 0.52 9.95
CA LEU B 401 21.82 0.30 9.30
C LEU B 401 22.59 1.60 9.13
N ALA B 402 21.94 2.66 8.63
CA ALA B 402 22.63 3.93 8.42
C ALA B 402 23.00 4.61 9.74
N GLY B 403 22.35 4.24 10.83
CA GLY B 403 22.81 4.63 12.14
C GLY B 403 23.66 3.56 12.77
N TYR B 404 24.45 2.88 11.95
CA TYR B 404 25.44 1.90 12.38
C TYR B 404 26.71 2.10 11.56
N ILE B 405 26.59 2.73 10.38
CA ILE B 405 27.75 3.13 9.61
C ILE B 405 28.08 4.61 9.83
N ILE B 406 27.40 5.28 10.77
CA ILE B 406 27.79 6.58 11.27
C ILE B 406 28.36 6.49 12.68
N VAL B 407 27.70 5.76 13.57
CA VAL B 407 28.17 5.67 14.94
C VAL B 407 29.44 4.81 15.04
N ALA B 408 29.53 3.72 14.28
CA ALA B 408 30.74 2.91 14.33
C ALA B 408 31.88 3.57 13.58
N HIS B 409 31.56 4.43 12.62
CA HIS B 409 32.58 5.30 12.03
C HIS B 409 33.16 6.24 13.08
N LEU B 410 32.30 6.80 13.92
CA LEU B 410 32.70 7.71 14.99
C LEU B 410 32.86 6.95 16.30
N THR B 411 33.62 5.86 16.26
CA THR B 411 33.96 5.10 17.46
C THR B 411 35.41 4.64 17.42
N GLY B 412 36.10 4.82 16.29
CA GLY B 412 37.25 3.98 16.11
C GLY B 412 37.54 2.57 15.65
N MET B 413 36.48 1.81 15.40
CA MET B 413 36.36 0.35 15.33
C MET B 413 36.09 0.07 13.85
N TYR B 414 35.50 1.04 13.12
CA TYR B 414 35.17 0.88 11.71
C TYR B 414 36.38 0.54 10.84
N ARG B 415 37.56 1.06 11.19
CA ARG B 415 38.80 0.64 10.57
C ARG B 415 39.67 -0.19 11.51
N GLN B 416 39.14 -0.57 12.67
CA GLN B 416 39.86 -1.24 13.76
C GLN B 416 41.13 -0.48 14.15
N HIS B 417 40.99 0.83 14.32
CA HIS B 417 42.04 1.68 14.88
C HIS B 417 41.70 2.09 16.31
N SER B 418 41.17 1.15 17.08
CA SER B 418 40.53 1.41 18.35
C SER B 418 40.84 0.29 19.31
N ALA B 419 39.96 0.09 20.29
CA ALA B 419 40.07 -0.92 21.34
C ALA B 419 39.86 -2.34 20.82
N ASN B 420 39.67 -3.29 21.75
CA ASN B 420 39.69 -4.74 21.53
C ASN B 420 38.87 -5.19 20.33
N THR B 421 39.38 -6.24 19.66
CA THR B 421 38.86 -6.71 18.39
C THR B 421 37.71 -7.73 18.58
N PHE B 422 36.97 -7.63 19.67
CA PHE B 422 35.75 -8.43 19.83
C PHE B 422 34.56 -7.76 19.15
N TYR B 423 34.76 -7.26 17.94
CA TYR B 423 33.72 -6.72 17.09
C TYR B 423 33.70 -7.52 15.80
N MET B 424 34.85 -7.60 15.15
CA MET B 424 34.98 -8.23 13.84
C MET B 424 35.28 -9.72 13.93
N GLU B 425 35.20 -10.30 15.13
CA GLU B 425 35.25 -11.74 15.30
C GLU B 425 34.13 -12.26 16.17
N THR B 426 33.30 -11.38 16.74
CA THR B 426 32.17 -11.78 17.56
C THR B 426 30.86 -11.64 16.82
N ALA B 427 30.70 -10.40 16.29
CA ALA B 427 29.50 -9.99 15.53
C ALA B 427 29.85 -9.33 14.20
N TYR B 428 30.70 -9.95 13.38
CA TYR B 428 30.82 -9.61 11.95
C TYR B 428 30.61 -11.01 11.35
N PRO B 429 30.92 -12.11 12.09
CA PRO B 429 30.53 -13.41 11.68
C PRO B 429 29.04 -13.63 11.93
N VAL B 430 28.30 -12.62 12.39
CA VAL B 430 26.80 -12.69 12.48
C VAL B 430 26.03 -11.59 11.76
N LEU B 431 26.72 -10.60 11.23
CA LEU B 431 26.01 -9.61 10.39
C LEU B 431 26.44 -10.00 9.00
N SER B 432 27.31 -11.00 8.88
CA SER B 432 27.60 -11.62 7.61
C SER B 432 26.61 -12.75 7.32
N MET B 433 26.38 -13.62 8.30
CA MET B 433 25.49 -14.76 8.11
C MET B 433 24.02 -14.32 8.00
N PHE B 434 23.70 -13.11 8.38
CA PHE B 434 22.32 -12.66 8.25
C PHE B 434 22.12 -11.69 7.11
N GLY B 435 23.19 -11.17 6.53
CA GLY B 435 23.04 -10.40 5.32
C GLY B 435 23.03 -11.22 4.07
N LEU B 436 23.44 -12.48 4.17
CA LEU B 436 23.43 -13.43 3.06
C LEU B 436 22.19 -14.31 3.06
N LEU B 437 21.72 -14.72 4.23
CA LEU B 437 20.50 -15.52 4.30
C LEU B 437 19.26 -14.69 3.99
N PHE B 438 19.24 -13.41 4.36
CA PHE B 438 18.12 -12.53 4.08
C PHE B 438 18.32 -11.72 2.82
N LEU B 439 19.34 -12.02 2.05
CA LEU B 439 19.37 -11.64 0.65
C LEU B 439 18.83 -12.73 -0.25
N HIS B 440 18.96 -14.00 0.16
CA HIS B 440 18.42 -15.08 -0.63
C HIS B 440 16.91 -15.20 -0.52
N LEU B 441 16.34 -15.08 0.68
CA LEU B 441 14.90 -15.07 0.86
C LEU B 441 14.24 -13.90 0.16
N PHE B 442 14.94 -12.78 0.01
CA PHE B 442 14.41 -11.69 -0.79
C PHE B 442 14.41 -12.04 -2.27
N LEU B 443 15.49 -12.63 -2.79
CA LEU B 443 15.53 -13.00 -4.20
C LEU B 443 14.69 -14.23 -4.53
N TYR B 444 14.23 -14.96 -3.54
CA TYR B 444 13.15 -15.91 -3.72
C TYR B 444 11.80 -15.22 -3.83
N GLY B 445 11.72 -13.98 -3.40
CA GLY B 445 10.47 -13.27 -3.47
C GLY B 445 10.52 -12.26 -4.59
N CYS B 446 11.67 -12.08 -5.17
CA CYS B 446 11.78 -11.35 -6.41
C CYS B 446 11.74 -12.30 -7.60
N ASN B 447 11.54 -13.59 -7.34
CA ASN B 447 11.34 -14.61 -8.36
C ASN B 447 9.92 -15.14 -8.41
N ILE B 448 9.16 -15.05 -7.32
CA ILE B 448 7.72 -15.23 -7.40
C ILE B 448 7.06 -14.04 -8.08
N PHE B 449 7.64 -12.86 -7.97
CA PHE B 449 7.16 -11.74 -8.77
C PHE B 449 7.46 -11.91 -10.25
N MET B 450 8.47 -12.69 -10.63
CA MET B 450 8.71 -12.95 -12.04
C MET B 450 8.14 -14.26 -12.53
N TRP B 451 7.78 -15.18 -11.63
CA TRP B 451 7.08 -16.39 -12.04
C TRP B 451 5.60 -16.13 -12.27
N ARG B 452 4.97 -15.37 -11.39
CA ARG B 452 3.57 -15.00 -11.58
C ARG B 452 3.40 -14.11 -12.80
N LYS B 453 4.35 -13.22 -13.05
CA LYS B 453 4.23 -12.27 -14.13
C LYS B 453 4.59 -12.85 -15.49
N ALA B 454 4.91 -14.13 -15.55
CA ALA B 454 4.97 -14.83 -16.82
C ALA B 454 4.23 -16.16 -16.78
N ARG B 455 3.56 -16.47 -15.68
CA ARG B 455 2.66 -17.62 -15.50
C ARG B 455 3.41 -18.94 -15.67
N ILE B 456 4.47 -19.07 -14.87
CA ILE B 456 5.41 -20.17 -15.03
C ILE B 456 4.99 -21.30 -14.09
N ASN B 457 3.88 -21.09 -13.37
CA ASN B 457 3.16 -22.13 -12.63
C ASN B 457 4.06 -22.85 -11.62
N TYR B 458 4.47 -22.09 -10.61
CA TYR B 458 5.46 -22.63 -9.70
C TYR B 458 4.87 -23.57 -8.68
N SER B 459 3.56 -23.50 -8.45
CA SER B 459 2.96 -24.31 -7.40
C SER B 459 2.80 -25.77 -7.81
N PHE B 460 2.50 -26.03 -9.08
CA PHE B 460 2.31 -27.39 -9.54
C PHE B 460 3.63 -28.10 -9.81
N ILE B 461 4.61 -27.37 -10.38
CA ILE B 461 5.93 -27.95 -10.62
C ILE B 461 6.60 -28.34 -9.31
N PHE B 462 6.56 -27.44 -8.32
CA PHE B 462 7.09 -27.74 -6.99
C PHE B 462 6.21 -28.71 -6.20
N GLU B 463 5.02 -29.04 -6.72
CA GLU B 463 3.99 -29.84 -6.04
C GLU B 463 3.58 -29.19 -4.71
N LEU B 464 3.25 -27.91 -4.79
CA LEU B 464 2.94 -27.16 -3.57
C LEU B 464 1.53 -27.45 -3.08
N GLY B 465 0.53 -27.15 -3.89
CA GLY B 465 -0.86 -27.19 -3.48
C GLY B 465 -1.39 -25.78 -3.24
N SER B 466 -2.61 -25.73 -2.73
CA SER B 466 -3.19 -24.43 -2.38
C SER B 466 -2.53 -23.92 -1.11
N LYS B 467 -2.80 -24.59 0.01
CA LYS B 467 -1.95 -24.70 1.21
C LYS B 467 -1.39 -23.36 1.69
N ASN B 468 -2.26 -22.34 1.71
CA ASN B 468 -1.94 -20.96 2.13
C ASN B 468 -0.82 -20.37 1.27
N GLU B 469 -1.17 -20.09 0.01
CA GLU B 469 -0.22 -19.59 -1.00
C GLU B 469 0.55 -18.36 -0.52
N LEU B 470 1.85 -18.52 -0.33
CA LEU B 470 2.73 -17.38 -0.11
C LEU B 470 2.82 -16.54 -1.36
N LYS B 471 2.94 -15.24 -1.18
CA LYS B 471 3.02 -14.33 -2.30
C LYS B 471 4.36 -13.61 -2.24
N TYR B 472 4.54 -12.64 -3.12
CA TYR B 472 5.72 -11.79 -3.08
C TYR B 472 5.53 -10.58 -2.18
N ARG B 473 4.45 -10.54 -1.41
CA ARG B 473 4.31 -9.60 -0.31
C ARG B 473 4.41 -10.28 1.04
N ASP B 474 4.40 -11.61 1.07
CA ASP B 474 4.58 -12.34 2.31
C ASP B 474 5.95 -12.98 2.45
N VAL B 475 6.89 -12.68 1.54
CA VAL B 475 8.30 -13.00 1.73
C VAL B 475 9.11 -11.73 1.57
N PHE B 476 8.48 -10.69 1.04
CA PHE B 476 9.03 -9.36 1.19
C PHE B 476 8.76 -8.79 2.58
N LEU B 477 7.85 -9.40 3.31
CA LEU B 477 7.52 -9.02 4.67
C LEU B 477 8.36 -9.77 5.70
N ILE B 478 8.70 -11.03 5.44
CA ILE B 478 9.59 -11.75 6.35
C ILE B 478 11.00 -11.19 6.27
N CYS B 479 11.49 -10.93 5.06
CA CYS B 479 12.89 -10.57 4.88
C CYS B 479 13.20 -9.15 5.28
N THR B 480 12.18 -8.33 5.55
CA THR B 480 12.34 -6.96 6.02
C THR B 480 12.02 -6.79 7.49
N ALA B 481 10.94 -7.43 7.98
CA ALA B 481 10.61 -7.36 9.40
C ALA B 481 11.64 -8.05 10.27
N SER B 482 12.36 -9.04 9.72
CA SER B 482 13.33 -9.77 10.49
C SER B 482 14.76 -9.36 10.19
N MET B 483 14.97 -8.38 9.31
CA MET B 483 16.29 -7.81 9.12
C MET B 483 16.43 -6.47 9.81
N SER B 484 15.32 -5.80 10.11
CA SER B 484 15.35 -4.69 11.05
C SER B 484 15.37 -5.17 12.49
N ALA B 485 14.98 -6.42 12.73
CA ALA B 485 15.08 -7.01 14.06
C ALA B 485 16.51 -7.47 14.36
N ILE B 486 17.35 -7.61 13.35
CA ILE B 486 18.77 -7.87 13.59
C ILE B 486 19.54 -6.57 13.60
N ALA B 487 19.22 -5.66 12.67
CA ALA B 487 19.88 -4.37 12.62
C ALA B 487 19.51 -3.48 13.81
N GLY B 488 18.48 -3.84 14.56
CA GLY B 488 18.21 -3.24 15.85
C GLY B 488 19.05 -3.85 16.96
N VAL B 489 18.99 -5.18 17.10
CA VAL B 489 19.70 -5.87 18.18
C VAL B 489 21.21 -5.81 17.96
N MET B 490 21.66 -5.69 16.71
CA MET B 490 23.04 -5.32 16.42
C MET B 490 23.21 -3.82 16.25
N PHE B 491 22.37 -3.03 16.91
CA PHE B 491 22.66 -1.63 17.18
C PHE B 491 22.67 -1.32 18.66
N VAL B 492 21.84 -1.99 19.46
CA VAL B 492 21.93 -1.93 20.91
C VAL B 492 23.14 -2.68 21.45
N HIS B 493 23.82 -3.46 20.61
CA HIS B 493 25.01 -4.21 20.98
C HIS B 493 26.29 -3.50 20.58
N LEU B 494 26.23 -2.53 19.66
CA LEU B 494 27.36 -1.65 19.43
C LEU B 494 27.50 -0.61 20.52
N SER B 495 26.39 -0.07 21.01
CA SER B 495 26.36 0.93 22.07
C SER B 495 26.96 0.43 23.36
N LEU B 496 26.57 -0.78 23.78
CA LEU B 496 27.15 -1.40 24.96
C LEU B 496 28.64 -1.65 24.81
N LEU B 497 29.12 -1.84 23.59
CA LEU B 497 30.56 -1.99 23.32
C LEU B 497 31.16 -0.70 22.81
N GLU B 498 30.53 0.44 23.09
CA GLU B 498 31.22 1.71 22.97
C GLU B 498 31.77 2.16 24.32
N LYS B 499 31.05 1.86 25.40
CA LYS B 499 31.44 2.20 26.76
C LYS B 499 31.90 0.99 27.56
N GLY B 500 31.49 -0.22 27.19
CA GLY B 500 31.82 -1.40 27.96
C GLY B 500 30.78 -1.71 29.00
N TYR B 501 30.13 -2.85 28.89
CA TYR B 501 29.10 -3.27 29.84
C TYR B 501 29.26 -4.76 30.18
N SER B 502 30.45 -5.11 30.72
CA SER B 502 30.74 -6.43 31.29
C SER B 502 30.68 -7.55 30.25
N PHE B 503 31.72 -7.61 29.42
CA PHE B 503 31.91 -8.52 28.28
C PHE B 503 31.44 -9.97 28.45
N ARG B 504 31.53 -10.50 29.67
CA ARG B 504 31.11 -11.87 29.96
C ARG B 504 29.61 -12.10 29.75
N GLN B 505 28.79 -11.06 29.76
CA GLN B 505 27.36 -11.22 29.55
C GLN B 505 26.81 -10.45 28.36
N VAL B 506 27.57 -9.52 27.79
CA VAL B 506 27.07 -8.80 26.62
C VAL B 506 27.25 -9.66 25.37
N GLN B 507 28.18 -10.62 25.42
CA GLN B 507 28.44 -11.50 24.28
C GLN B 507 27.68 -12.82 24.40
N VAL B 508 26.38 -12.68 24.61
CA VAL B 508 25.41 -13.74 24.33
C VAL B 508 24.33 -13.29 23.37
N ILE B 509 24.03 -11.99 23.36
CA ILE B 509 23.23 -11.25 22.38
C ILE B 509 23.53 -11.62 20.92
N PRO B 510 24.80 -11.82 20.47
CA PRO B 510 24.95 -12.45 19.14
C PRO B 510 24.44 -13.88 19.08
N GLY B 511 24.93 -14.76 19.95
CA GLY B 511 24.54 -16.14 19.95
C GLY B 511 23.14 -16.45 20.41
N LEU B 512 22.37 -15.44 20.82
CA LEU B 512 20.97 -15.61 21.19
C LEU B 512 20.02 -15.14 20.10
N LEU B 513 20.42 -14.12 19.34
CA LEU B 513 19.67 -13.71 18.15
C LEU B 513 19.63 -14.83 17.13
N LEU B 514 20.72 -15.59 17.01
CA LEU B 514 20.69 -16.85 16.28
C LEU B 514 19.70 -17.81 16.92
N LEU B 515 19.74 -17.92 18.26
CA LEU B 515 18.86 -18.86 18.96
C LEU B 515 17.42 -18.41 18.92
N GLY B 516 17.15 -17.10 18.87
CA GLY B 516 15.80 -16.63 18.70
C GLY B 516 15.25 -16.98 17.33
N PHE B 517 16.08 -16.79 16.29
CA PHE B 517 15.67 -17.12 14.93
C PHE B 517 15.60 -18.61 14.69
N LEU B 518 16.35 -19.41 15.46
CA LEU B 518 16.32 -20.84 15.25
C LEU B 518 14.99 -21.45 15.69
N LEU B 519 14.40 -20.89 16.76
CA LEU B 519 13.16 -21.42 17.31
C LEU B 519 11.91 -20.86 16.65
N ILE B 520 11.99 -19.68 16.02
CA ILE B 520 10.91 -19.21 15.16
C ILE B 520 10.70 -20.13 13.97
N LEU B 521 11.79 -20.62 13.37
CA LEU B 521 11.74 -21.55 12.26
C LEU B 521 11.09 -22.88 12.63
N ILE B 522 11.26 -23.34 13.86
CA ILE B 522 10.67 -24.61 14.30
C ILE B 522 9.50 -24.38 15.25
N CYS B 523 9.01 -23.14 15.34
CA CYS B 523 7.86 -22.81 16.18
C CYS B 523 6.60 -23.50 15.66
N PRO B 524 5.95 -24.33 16.45
CA PRO B 524 4.85 -25.15 15.95
C PRO B 524 3.45 -24.58 16.14
N LEU B 525 3.29 -23.31 16.52
CA LEU B 525 1.94 -22.95 16.97
C LEU B 525 0.99 -22.59 15.84
N ASN B 526 0.98 -21.33 15.39
CA ASN B 526 0.43 -20.96 14.09
C ASN B 526 0.97 -19.63 13.58
N ILE B 527 1.88 -19.01 14.33
CA ILE B 527 2.08 -17.57 14.21
C ILE B 527 2.84 -17.22 12.94
N PHE B 528 4.10 -17.68 12.85
CA PHE B 528 5.00 -17.23 11.79
C PHE B 528 4.96 -18.21 10.63
N TYR B 529 3.83 -18.17 9.91
CA TYR B 529 3.63 -18.88 8.65
C TYR B 529 3.85 -20.39 8.78
N LYS B 530 3.19 -21.01 9.75
CA LYS B 530 3.15 -22.47 9.74
C LYS B 530 2.30 -22.92 8.56
N SER B 531 2.57 -24.15 8.08
CA SER B 531 2.17 -24.79 6.81
C SER B 531 2.94 -24.24 5.62
N SER B 532 3.96 -23.41 5.85
CA SER B 532 4.99 -23.21 4.85
C SER B 532 6.36 -23.12 5.51
N ARG B 533 6.41 -23.25 6.83
CA ARG B 533 7.65 -23.28 7.57
C ARG B 533 7.91 -24.65 8.17
N TYR B 534 6.91 -25.52 8.17
CA TYR B 534 7.14 -26.93 8.41
C TYR B 534 7.20 -27.74 7.13
N ARG B 535 6.75 -27.17 6.01
CA ARG B 535 7.06 -27.76 4.71
C ARG B 535 8.53 -27.55 4.37
N LEU B 536 9.11 -26.43 4.80
CA LEU B 536 10.52 -26.18 4.57
C LEU B 536 11.40 -27.08 5.42
N ILE B 537 10.90 -27.63 6.53
CA ILE B 537 11.64 -28.66 7.25
C ILE B 537 11.25 -30.04 6.77
N SER B 538 10.27 -30.13 5.87
CA SER B 538 10.08 -31.35 5.09
C SER B 538 11.01 -31.41 3.89
N VAL B 539 11.80 -30.36 3.67
CA VAL B 539 12.73 -30.28 2.54
C VAL B 539 14.17 -30.46 2.99
N ILE B 540 14.56 -29.78 4.06
CA ILE B 540 15.93 -29.87 4.57
C ILE B 540 16.02 -31.05 5.55
N ARG B 541 14.99 -31.88 5.59
CA ARG B 541 15.13 -33.20 6.18
C ARG B 541 15.52 -34.24 5.13
N ASN B 542 15.01 -34.12 3.91
CA ASN B 542 15.40 -35.05 2.86
C ASN B 542 16.82 -34.79 2.38
N ILE B 543 17.28 -33.55 2.42
CA ILE B 543 18.53 -33.19 1.76
C ILE B 543 19.72 -33.63 2.61
N VAL B 544 19.60 -33.53 3.94
CA VAL B 544 20.72 -33.85 4.81
C VAL B 544 20.89 -35.37 4.90
N PHE B 545 19.79 -36.11 4.89
CA PHE B 545 19.87 -37.56 4.72
C PHE B 545 20.00 -37.81 3.22
N SER B 546 21.24 -37.69 2.71
CA SER B 546 21.44 -37.47 1.29
C SER B 546 21.11 -38.65 0.39
N PRO B 547 21.71 -39.85 0.53
CA PRO B 547 21.51 -40.86 -0.52
C PRO B 547 20.15 -41.53 -0.49
N LEU B 548 19.41 -41.41 0.61
CA LEU B 548 18.02 -41.85 0.69
C LEU B 548 17.14 -40.70 0.19
N TYR B 549 15.83 -40.79 0.42
CA TYR B 549 14.88 -39.69 0.31
C TYR B 549 14.83 -39.13 -1.11
N LYS B 550 14.21 -39.92 -2.00
CA LYS B 550 14.09 -39.70 -3.43
C LYS B 550 13.69 -38.28 -3.84
N VAL B 551 14.18 -37.82 -4.97
CA VAL B 551 14.15 -36.40 -5.30
C VAL B 551 12.84 -36.05 -6.00
N VAL B 552 12.16 -35.04 -5.49
CA VAL B 552 11.11 -34.36 -6.21
C VAL B 552 11.60 -32.94 -6.49
N MET B 553 10.77 -32.13 -7.14
CA MET B 553 11.24 -30.84 -7.63
C MET B 553 11.47 -29.84 -6.51
N LEU B 554 10.77 -29.97 -5.40
CA LEU B 554 11.03 -29.12 -4.24
C LEU B 554 11.80 -29.93 -3.20
N ASP B 555 12.68 -30.78 -3.71
CA ASP B 555 13.66 -31.48 -2.91
C ASP B 555 14.99 -31.29 -3.61
N PHE B 556 14.92 -31.12 -4.91
CA PHE B 556 16.04 -30.62 -5.70
C PHE B 556 16.32 -29.16 -5.49
N PHE B 557 15.30 -28.32 -5.43
CA PHE B 557 15.47 -26.88 -5.51
C PHE B 557 16.15 -26.29 -4.30
N MET B 558 15.72 -26.62 -3.09
CA MET B 558 16.34 -26.08 -1.88
C MET B 558 17.54 -26.90 -1.45
N ALA B 559 18.02 -27.79 -2.32
CA ALA B 559 19.32 -28.40 -2.18
C ALA B 559 20.34 -27.72 -3.06
N ASP B 560 19.91 -27.06 -4.10
CA ASP B 560 20.78 -26.31 -4.97
C ASP B 560 20.50 -24.83 -4.86
N GLN B 561 19.90 -24.40 -3.75
CA GLN B 561 19.99 -23.02 -3.27
C GLN B 561 21.05 -22.86 -2.22
N LEU B 562 21.64 -23.97 -1.78
CA LEU B 562 22.68 -23.99 -0.79
C LEU B 562 24.06 -24.02 -1.39
N CYS B 563 24.18 -24.14 -2.70
CA CYS B 563 25.43 -23.96 -3.38
C CYS B 563 25.67 -22.50 -3.74
N SER B 564 24.96 -21.58 -3.11
CA SER B 564 25.31 -20.18 -3.08
C SER B 564 25.57 -19.70 -1.66
N GLN B 565 25.31 -20.54 -0.68
CA GLN B 565 25.49 -20.23 0.72
C GLN B 565 26.62 -21.06 1.30
N VAL B 566 27.69 -21.21 0.54
CA VAL B 566 28.93 -21.75 1.10
C VAL B 566 29.60 -20.72 2.01
N PRO B 567 29.68 -19.41 1.71
CA PRO B 567 30.23 -18.49 2.72
C PRO B 567 29.31 -18.27 3.91
N MET B 568 28.01 -18.41 3.75
CA MET B 568 27.11 -18.39 4.90
C MET B 568 27.33 -19.58 5.82
N LEU B 569 27.72 -20.73 5.30
CA LEU B 569 27.86 -21.94 6.12
C LEU B 569 29.23 -22.06 6.76
N ARG B 570 30.04 -21.01 6.67
CA ARG B 570 31.23 -20.87 7.50
C ARG B 570 30.99 -19.93 8.66
N ASN B 571 30.01 -19.05 8.52
CA ASN B 571 29.56 -18.18 9.60
C ASN B 571 28.36 -18.76 10.32
N LEU B 572 28.16 -20.07 10.25
CA LEU B 572 27.21 -20.74 11.11
C LEU B 572 27.98 -21.94 11.62
N GLU B 573 29.27 -21.95 11.33
CA GLU B 573 30.18 -22.87 11.98
C GLU B 573 31.24 -22.17 12.79
N TYR B 574 31.47 -20.86 12.57
CA TYR B 574 32.32 -20.16 13.53
C TYR B 574 31.53 -19.82 14.77
N ILE B 575 30.26 -19.48 14.59
CA ILE B 575 29.37 -19.15 15.70
C ILE B 575 29.20 -20.36 16.61
N ALA B 576 28.88 -21.52 16.06
CA ALA B 576 28.75 -22.69 16.92
C ALA B 576 30.11 -23.37 17.12
N CYS B 577 31.11 -22.57 17.46
CA CYS B 577 32.40 -22.96 18.01
C CYS B 577 32.69 -21.96 19.11
N TYR B 578 32.02 -20.80 19.00
CA TYR B 578 32.15 -19.70 19.92
C TYR B 578 30.95 -19.71 20.85
N TYR B 579 30.16 -20.79 20.80
CA TYR B 579 28.96 -20.92 21.63
C TYR B 579 28.76 -22.35 22.10
N ILE B 580 29.73 -23.23 21.83
CA ILE B 580 29.52 -24.64 22.16
C ILE B 580 30.70 -25.22 22.93
N THR B 581 31.82 -24.50 22.96
CA THR B 581 32.98 -25.01 23.69
C THR B 581 33.50 -23.94 24.65
N GLY B 582 32.71 -22.89 24.83
CA GLY B 582 33.05 -21.87 25.81
C GLY B 582 34.22 -21.00 25.39
N SER B 583 34.01 -20.15 24.39
CA SER B 583 35.02 -19.22 23.94
C SER B 583 34.58 -17.77 24.14
N TYR B 584 33.40 -17.55 24.71
CA TYR B 584 32.84 -16.22 24.86
C TYR B 584 33.09 -15.67 26.26
N ALA B 585 32.87 -16.48 27.28
CA ALA B 585 33.11 -16.06 28.65
C ALA B 585 34.61 -16.09 28.96
N THR B 586 35.36 -16.88 28.19
CA THR B 586 36.78 -17.05 28.45
C THR B 586 37.63 -16.06 27.67
N GLN B 587 36.97 -15.22 26.87
CA GLN B 587 37.56 -14.07 26.16
C GLN B 587 38.70 -14.45 25.23
N ASP B 588 38.40 -15.17 24.15
CA ASP B 588 39.42 -15.54 23.18
C ASP B 588 38.84 -15.72 21.78
N TYR B 589 39.22 -14.85 20.85
CA TYR B 589 38.73 -14.89 19.47
C TYR B 589 39.54 -15.83 18.59
N GLU B 590 40.55 -16.50 19.16
CA GLU B 590 41.33 -17.44 18.36
C GLU B 590 41.22 -18.87 18.89
N TYR B 591 40.23 -19.20 19.73
CA TYR B 591 40.17 -20.53 20.33
C TYR B 591 39.84 -21.59 19.30
N CYS B 592 39.06 -21.23 18.28
CA CYS B 592 38.74 -22.17 17.22
C CYS B 592 39.93 -22.36 16.28
N MET B 593 40.53 -21.26 15.84
CA MET B 593 41.56 -21.34 14.80
C MET B 593 42.98 -21.51 15.35
N ARG B 594 43.16 -22.50 16.23
CA ARG B 594 44.50 -22.93 16.63
C ARG B 594 44.75 -24.36 16.17
N VAL B 595 43.84 -25.26 16.50
CA VAL B 595 43.97 -26.68 16.23
C VAL B 595 43.61 -26.97 14.77
N LYS B 596 43.83 -28.21 14.35
CA LYS B 596 43.55 -28.70 13.00
C LYS B 596 42.07 -28.63 12.62
N TYR B 597 41.20 -28.52 13.63
CA TYR B 597 39.75 -28.31 13.52
C TYR B 597 39.40 -27.16 12.60
N TYR B 598 40.13 -26.04 12.69
CA TYR B 598 39.86 -24.92 11.78
C TYR B 598 40.94 -24.77 10.72
N ARG B 599 41.50 -25.88 10.28
CA ARG B 599 42.33 -25.88 9.08
C ARG B 599 41.68 -26.70 7.97
N ASP B 600 41.00 -27.79 8.30
CA ASP B 600 40.28 -28.59 7.32
C ASP B 600 38.81 -28.66 7.64
N LEU B 601 38.46 -28.98 8.89
CA LEU B 601 37.09 -29.34 9.23
C LEU B 601 36.18 -28.13 9.42
N ALA B 602 36.69 -26.94 9.21
CA ALA B 602 35.82 -25.80 8.98
C ALA B 602 35.87 -25.34 7.55
N TYR B 603 36.47 -26.12 6.66
CA TYR B 603 36.53 -25.84 5.25
C TYR B 603 36.18 -27.08 4.44
N ALA B 604 36.31 -28.28 5.02
CA ALA B 604 35.93 -29.50 4.34
C ALA B 604 34.46 -29.83 4.58
N VAL B 605 33.92 -29.43 5.73
CA VAL B 605 32.50 -29.62 5.95
C VAL B 605 31.81 -28.36 5.46
N SER B 606 32.60 -27.37 5.04
CA SER B 606 32.03 -26.26 4.32
C SER B 606 31.54 -26.68 2.94
N PHE B 607 32.17 -27.66 2.31
CA PHE B 607 31.63 -28.28 1.09
C PHE B 607 30.81 -29.51 1.40
N LEU B 608 29.95 -29.37 2.35
CA LEU B 608 28.84 -30.25 2.56
C LEU B 608 27.64 -29.99 1.63
N PRO B 609 27.30 -28.75 1.20
CA PRO B 609 26.16 -28.64 0.26
C PRO B 609 26.39 -29.27 -1.11
N TYR B 610 27.64 -29.35 -1.58
CA TYR B 610 27.96 -30.03 -2.81
C TYR B 610 28.08 -31.52 -2.62
N TYR B 611 28.03 -32.02 -1.41
CA TYR B 611 27.87 -33.45 -1.19
C TYR B 611 26.42 -33.87 -1.20
N TRP B 612 25.51 -33.02 -0.74
CA TRP B 612 24.10 -33.40 -0.74
C TRP B 612 23.52 -33.45 -2.15
N ARG B 613 24.03 -32.61 -3.04
CA ARG B 613 23.61 -32.62 -4.43
C ARG B 613 24.09 -33.90 -5.11
N ALA B 614 25.37 -34.20 -4.95
CA ALA B 614 25.97 -35.34 -5.63
C ALA B 614 25.48 -36.67 -5.09
N MET B 615 24.81 -36.69 -3.95
CA MET B 615 24.18 -37.92 -3.49
C MET B 615 22.67 -37.91 -3.63
N GLN B 616 22.11 -36.89 -4.29
CA GLN B 616 20.72 -36.96 -4.74
C GLN B 616 20.62 -37.40 -6.18
N CYS B 617 21.62 -37.08 -7.00
CA CYS B 617 21.75 -37.60 -8.35
C CYS B 617 22.12 -39.08 -8.36
N ALA B 618 22.75 -39.57 -7.30
CA ALA B 618 23.01 -41.00 -7.18
C ALA B 618 21.72 -41.76 -6.93
N ARG B 619 20.85 -41.24 -6.06
CA ARG B 619 19.55 -41.90 -6.03
C ARG B 619 18.72 -41.57 -7.29
N ARG B 620 18.96 -40.45 -7.97
CA ARG B 620 18.34 -40.20 -9.26
C ARG B 620 19.02 -40.94 -10.39
N TRP B 621 19.95 -41.85 -10.10
CA TRP B 621 20.55 -42.74 -11.09
C TRP B 621 20.20 -44.19 -10.88
N PHE B 622 20.45 -44.65 -9.65
CA PHE B 622 20.04 -46.02 -9.29
C PHE B 622 18.54 -45.93 -9.17
N ASP B 623 17.99 -44.85 -9.70
CA ASP B 623 16.51 -44.71 -9.78
C ASP B 623 16.22 -43.86 -11.00
N GLU B 624 15.33 -44.32 -11.88
CA GLU B 624 15.07 -43.65 -13.15
C GLU B 624 16.15 -43.93 -14.20
N GLY B 625 17.28 -44.50 -13.79
CA GLY B 625 18.18 -45.19 -14.70
C GLY B 625 19.10 -44.40 -15.60
N GLU B 626 18.68 -43.19 -16.01
CA GLU B 626 19.24 -42.58 -17.21
C GLU B 626 20.66 -42.06 -17.01
N THR B 627 21.34 -41.80 -18.13
CA THR B 627 22.74 -41.38 -18.14
C THR B 627 22.91 -39.94 -17.70
N SER B 628 21.91 -39.08 -17.93
CA SER B 628 22.05 -37.65 -17.64
C SER B 628 22.12 -37.37 -16.15
N HIS B 629 21.64 -38.28 -15.31
CA HIS B 629 21.91 -38.17 -13.88
C HIS B 629 23.13 -39.00 -13.49
N LEU B 630 24.19 -38.85 -14.27
CA LEU B 630 25.54 -39.29 -13.91
C LEU B 630 26.56 -38.25 -14.29
N VAL B 631 26.26 -37.39 -15.26
CA VAL B 631 27.06 -36.22 -15.53
C VAL B 631 26.63 -35.05 -14.65
N ASN B 632 25.42 -35.11 -14.10
CA ASN B 632 25.03 -34.20 -13.02
C ASN B 632 25.83 -34.50 -11.76
N LEU B 633 25.99 -35.79 -11.45
CA LEU B 633 26.76 -36.23 -10.29
C LEU B 633 28.21 -35.81 -10.40
N GLY B 634 28.73 -35.78 -11.63
CA GLY B 634 30.08 -35.37 -11.86
C GLY B 634 30.30 -33.90 -11.58
N LYS B 635 29.24 -33.10 -11.64
CA LYS B 635 29.40 -31.64 -11.60
C LYS B 635 29.76 -31.14 -10.21
N TYR B 636 29.31 -31.84 -9.17
CA TYR B 636 29.60 -31.42 -7.80
C TYR B 636 30.86 -32.09 -7.26
N VAL B 637 31.21 -33.26 -7.79
CA VAL B 637 32.47 -33.91 -7.48
C VAL B 637 33.58 -33.10 -8.14
N SER B 638 33.25 -32.43 -9.24
CA SER B 638 34.18 -31.49 -9.87
C SER B 638 34.54 -30.32 -8.97
N ALA B 639 33.57 -29.65 -8.35
CA ALA B 639 33.89 -28.61 -7.37
C ALA B 639 33.89 -29.17 -5.95
N MET B 640 34.57 -30.25 -5.77
CA MET B 640 34.97 -30.85 -4.51
C MET B 640 36.41 -31.31 -4.59
N LEU B 641 36.91 -31.55 -5.80
CA LEU B 641 38.32 -31.73 -6.05
C LEU B 641 39.03 -30.41 -6.29
N ALA B 642 38.36 -29.46 -6.95
CA ALA B 642 38.96 -28.18 -7.27
C ALA B 642 39.24 -27.31 -6.05
N ALA B 643 38.48 -27.49 -4.98
CA ALA B 643 38.86 -26.92 -3.69
C ALA B 643 39.60 -27.92 -2.82
N GLY B 644 39.51 -29.21 -3.14
CA GLY B 644 40.34 -30.19 -2.48
C GLY B 644 41.81 -30.09 -2.83
N THR B 645 42.15 -29.40 -3.92
CA THR B 645 43.55 -29.10 -4.21
C THR B 645 44.05 -27.92 -3.38
N LYS B 646 43.15 -27.03 -2.95
CA LYS B 646 43.57 -25.95 -2.05
C LYS B 646 43.88 -26.48 -0.65
N VAL B 647 43.30 -27.62 -0.28
CA VAL B 647 43.69 -28.30 0.95
C VAL B 647 45.17 -28.70 0.88
N ALA B 648 45.63 -29.13 -0.28
CA ALA B 648 47.03 -29.43 -0.49
C ALA B 648 47.78 -28.32 -1.21
N TYR B 649 47.37 -27.06 -1.01
CA TYR B 649 48.13 -25.93 -1.51
C TYR B 649 48.70 -25.05 -0.40
N GLU B 650 48.16 -25.15 0.83
CA GLU B 650 48.72 -24.42 1.96
C GLU B 650 50.14 -24.87 2.26
N LYS B 651 50.43 -26.15 2.03
CA LYS B 651 51.78 -26.66 1.95
C LYS B 651 52.17 -26.82 0.49
N GLU B 652 53.47 -27.05 0.26
CA GLU B 652 54.11 -27.29 -1.05
C GLU B 652 53.66 -26.28 -2.12
N ARG B 653 53.56 -25.03 -1.69
CA ARG B 653 53.23 -23.90 -2.56
C ARG B 653 54.39 -23.66 -3.51
N SER B 654 54.26 -24.13 -4.74
CA SER B 654 55.39 -24.29 -5.63
C SER B 654 54.86 -24.32 -7.06
N LEU B 655 55.65 -24.85 -7.99
CA LEU B 655 55.14 -25.25 -9.29
C LEU B 655 54.65 -26.69 -9.29
N GLY B 656 54.16 -27.16 -8.14
CA GLY B 656 53.59 -28.48 -7.97
C GLY B 656 52.08 -28.40 -7.99
N TRP B 657 51.46 -28.32 -6.82
CA TRP B 657 50.01 -28.21 -6.71
C TRP B 657 49.55 -26.75 -6.84
N LEU B 658 50.05 -26.09 -7.88
CA LEU B 658 49.59 -24.78 -8.31
C LEU B 658 49.36 -24.72 -9.81
N CYS B 659 49.94 -25.63 -10.58
CA CYS B 659 49.43 -26.01 -11.89
C CYS B 659 48.33 -27.06 -11.79
N LEU B 660 47.85 -27.33 -10.57
CA LEU B 660 46.72 -28.19 -10.32
C LEU B 660 45.49 -27.44 -9.82
N VAL B 661 45.67 -26.35 -9.04
CA VAL B 661 44.55 -25.53 -8.61
C VAL B 661 44.19 -24.49 -9.67
N VAL B 662 44.92 -24.45 -10.78
CA VAL B 662 44.49 -23.68 -11.94
C VAL B 662 43.90 -24.70 -12.92
N ALA B 663 44.37 -25.95 -12.80
CA ALA B 663 43.88 -27.01 -13.67
C ALA B 663 42.45 -27.43 -13.30
N MET B 664 42.26 -27.90 -12.07
CA MET B 664 40.95 -28.44 -11.70
C MET B 664 39.93 -27.34 -11.45
N SER B 665 40.38 -26.12 -11.19
CA SER B 665 39.44 -25.05 -10.91
C SER B 665 38.92 -24.38 -12.17
N SER B 666 39.55 -24.60 -13.32
CA SER B 666 38.97 -24.18 -14.59
C SER B 666 38.31 -25.32 -15.34
N VAL B 667 38.63 -26.56 -14.98
CA VAL B 667 37.82 -27.70 -15.37
C VAL B 667 36.43 -27.59 -14.77
N ALA B 668 36.36 -27.15 -13.51
CA ALA B 668 35.08 -26.97 -12.83
C ALA B 668 34.27 -25.85 -13.46
N THR B 669 34.89 -24.71 -13.72
CA THR B 669 34.15 -23.50 -14.06
C THR B 669 33.59 -23.53 -15.48
N ILE B 670 33.96 -24.52 -16.30
CA ILE B 670 33.24 -24.77 -17.53
C ILE B 670 32.18 -25.84 -17.34
N TYR B 671 32.48 -26.85 -16.51
CA TYR B 671 31.58 -27.96 -16.25
C TYR B 671 30.42 -27.57 -15.35
N GLN B 672 30.50 -26.41 -14.69
CA GLN B 672 29.29 -25.76 -14.22
C GLN B 672 28.68 -24.83 -15.24
N LEU B 673 29.50 -24.16 -16.07
CA LEU B 673 29.00 -23.28 -17.12
C LEU B 673 28.36 -24.00 -18.28
N TYR B 674 28.79 -25.23 -18.58
CA TYR B 674 28.12 -26.03 -19.59
C TYR B 674 26.71 -26.39 -19.12
N TRP B 675 26.61 -26.99 -17.94
CA TRP B 675 25.39 -27.56 -17.40
C TRP B 675 24.31 -26.54 -17.13
N ASP B 676 24.71 -25.29 -16.88
CA ASP B 676 23.74 -24.25 -16.57
C ASP B 676 22.89 -23.94 -17.79
N PHE B 677 23.53 -23.61 -18.91
CA PHE B 677 22.78 -23.28 -20.12
C PHE B 677 22.19 -24.50 -20.81
N VAL B 678 22.89 -25.62 -20.80
CA VAL B 678 22.47 -26.73 -21.64
C VAL B 678 21.42 -27.55 -20.93
N LYS B 679 21.77 -28.13 -19.78
CA LYS B 679 20.88 -29.12 -19.17
C LYS B 679 20.08 -28.58 -18.00
N ASP B 680 20.22 -27.29 -17.67
CA ASP B 680 19.34 -26.66 -16.69
C ASP B 680 18.49 -25.57 -17.31
N TRP B 681 19.09 -24.58 -17.95
CA TRP B 681 18.29 -23.54 -18.59
C TRP B 681 17.71 -24.00 -19.92
N GLY B 682 18.23 -25.09 -20.49
CA GLY B 682 17.74 -25.62 -21.74
C GLY B 682 18.19 -24.87 -22.97
N LEU B 683 19.10 -23.91 -22.83
CA LEU B 683 19.46 -23.04 -23.92
C LEU B 683 20.60 -23.64 -24.72
N LEU B 684 21.20 -22.83 -25.61
CA LEU B 684 22.35 -23.19 -26.45
C LEU B 684 22.05 -24.38 -27.35
N GLN B 685 20.95 -24.30 -28.08
CA GLN B 685 20.60 -25.31 -29.08
C GLN B 685 20.79 -24.69 -30.46
N HIS B 686 21.84 -25.12 -31.17
CA HIS B 686 22.12 -24.61 -32.51
C HIS B 686 21.07 -25.06 -33.52
N ASN B 687 20.42 -26.20 -33.28
CA ASN B 687 19.37 -26.69 -34.17
C ASN B 687 18.05 -26.06 -33.76
N SER B 688 17.96 -24.75 -34.00
CA SER B 688 16.80 -23.95 -33.61
C SER B 688 16.66 -22.78 -34.57
N ASN B 689 15.56 -22.06 -34.42
CA ASN B 689 15.32 -20.85 -35.20
C ASN B 689 15.87 -19.60 -34.53
N ASN B 690 16.43 -19.72 -33.34
CA ASN B 690 16.98 -18.60 -32.59
C ASN B 690 18.47 -18.84 -32.36
N PRO B 691 19.30 -17.81 -32.55
CA PRO B 691 20.75 -17.98 -32.34
C PRO B 691 21.10 -18.14 -30.88
N TRP B 692 21.65 -19.30 -30.52
CA TRP B 692 22.15 -19.69 -29.20
C TRP B 692 21.06 -19.76 -28.12
N LEU B 693 19.78 -19.64 -28.47
CA LEU B 693 18.67 -19.90 -27.58
C LEU B 693 17.94 -21.15 -28.06
N ARG B 694 16.81 -21.46 -27.43
CA ARG B 694 16.00 -22.60 -27.83
C ARG B 694 14.92 -22.15 -28.80
N ASN B 695 13.98 -23.05 -29.08
CA ASN B 695 12.91 -22.75 -30.03
C ASN B 695 11.88 -21.80 -29.43
N GLN B 696 11.22 -22.24 -28.37
CA GLN B 696 10.10 -21.51 -27.78
C GLN B 696 10.59 -20.78 -26.54
N LEU B 697 10.10 -19.55 -26.36
CA LEU B 697 10.47 -18.73 -25.21
C LEU B 697 9.22 -18.39 -24.40
N MET B 698 9.35 -18.42 -23.08
CA MET B 698 8.27 -18.04 -22.19
C MET B 698 8.36 -16.59 -21.73
N LEU B 699 8.98 -15.73 -22.53
CA LEU B 699 9.20 -14.36 -22.11
C LEU B 699 9.20 -13.48 -23.36
N ARG B 700 9.28 -12.17 -23.16
CA ARG B 700 9.26 -11.09 -24.12
C ARG B 700 10.62 -11.03 -24.85
N GLN B 701 10.93 -9.84 -25.39
CA GLN B 701 11.97 -9.53 -26.39
C GLN B 701 13.28 -10.29 -26.28
N LYS B 702 13.84 -10.67 -27.43
CA LYS B 702 15.00 -11.54 -27.49
C LYS B 702 16.29 -10.76 -27.27
N SER B 703 16.35 -9.98 -26.21
CA SER B 703 17.50 -9.16 -25.86
C SER B 703 17.95 -9.38 -24.42
N ILE B 704 17.00 -9.57 -23.50
CA ILE B 704 17.35 -9.83 -22.11
C ILE B 704 17.60 -11.30 -21.84
N TYR B 705 17.37 -12.16 -22.83
CA TYR B 705 17.79 -13.55 -22.70
C TYR B 705 19.30 -13.68 -22.75
N TYR B 706 19.93 -12.92 -23.65
CA TYR B 706 21.37 -12.97 -23.82
C TYR B 706 22.12 -12.22 -22.72
N PHE B 707 21.47 -11.23 -22.09
CA PHE B 707 22.10 -10.52 -20.99
C PHE B 707 22.21 -11.41 -19.76
N SER B 708 21.28 -12.34 -19.59
CA SER B 708 21.38 -13.28 -18.49
C SER B 708 22.33 -14.43 -18.79
N MET B 709 22.81 -14.54 -20.03
CA MET B 709 23.80 -15.58 -20.35
C MET B 709 25.23 -15.13 -20.12
N VAL B 710 25.48 -13.83 -20.02
CA VAL B 710 26.82 -13.32 -19.78
C VAL B 710 26.96 -13.10 -18.27
N LEU B 711 25.83 -12.99 -17.57
CA LEU B 711 25.86 -12.82 -16.13
C LEU B 711 25.97 -14.12 -15.37
N ASN B 712 25.93 -15.27 -16.02
CA ASN B 712 26.28 -16.49 -15.34
C ASN B 712 27.74 -16.85 -15.52
N LEU B 713 28.50 -16.04 -16.26
CA LEU B 713 29.92 -16.25 -16.47
C LEU B 713 30.77 -15.18 -15.82
N VAL B 714 30.34 -13.92 -15.88
CA VAL B 714 30.91 -12.86 -15.07
C VAL B 714 30.78 -13.17 -13.59
N LEU B 715 29.59 -13.61 -13.17
CA LEU B 715 29.33 -13.87 -11.76
C LEU B 715 29.75 -15.27 -11.32
N ARG B 716 30.43 -16.03 -12.15
CA ARG B 716 31.04 -17.22 -11.60
C ARG B 716 32.56 -17.05 -11.44
N LEU B 717 33.04 -15.81 -11.47
CA LEU B 717 34.31 -15.46 -10.86
C LEU B 717 34.14 -15.06 -9.40
N ALA B 718 32.91 -14.68 -9.01
CA ALA B 718 32.60 -14.54 -7.60
C ALA B 718 32.58 -15.90 -6.91
N TRP B 719 31.85 -16.86 -7.48
CA TRP B 719 32.11 -18.27 -7.22
C TRP B 719 33.53 -18.61 -7.68
N LEU B 720 34.14 -19.59 -7.00
CA LEU B 720 35.56 -19.98 -7.08
C LEU B 720 36.50 -18.91 -6.50
N GLN B 721 35.96 -17.78 -6.07
CA GLN B 721 36.77 -16.91 -5.23
C GLN B 721 36.28 -17.12 -3.82
N THR B 722 34.98 -17.36 -3.67
CA THR B 722 34.42 -17.43 -2.33
C THR B 722 34.48 -18.86 -1.81
N VAL B 723 34.87 -19.82 -2.65
CA VAL B 723 34.99 -21.20 -2.22
C VAL B 723 36.44 -21.69 -2.32
N LEU B 724 37.39 -20.79 -2.58
CA LEU B 724 38.79 -21.13 -2.39
C LEU B 724 39.45 -20.20 -1.38
N HIS B 725 38.76 -19.16 -0.93
CA HIS B 725 39.29 -18.11 -0.07
C HIS B 725 38.40 -17.94 1.14
N SER B 726 38.19 -19.04 1.86
CA SER B 726 37.39 -19.11 3.09
C SER B 726 37.72 -17.99 4.07
N SER B 727 36.73 -17.14 4.33
CA SER B 727 37.02 -15.81 4.85
C SER B 727 37.42 -15.85 6.32
N PHE B 728 36.69 -16.57 7.15
CA PHE B 728 37.14 -16.67 8.53
C PHE B 728 37.97 -17.92 8.76
N GLU B 729 39.06 -18.05 8.01
CA GLU B 729 40.10 -19.02 8.32
C GLU B 729 41.45 -18.34 8.13
N HIS B 730 41.49 -17.35 7.25
CA HIS B 730 42.73 -16.71 6.81
C HIS B 730 42.41 -15.25 6.50
N VAL B 731 43.21 -14.67 5.58
CA VAL B 731 43.61 -13.26 5.44
C VAL B 731 42.52 -12.23 5.73
N ASP B 732 42.91 -11.19 6.47
CA ASP B 732 41.98 -10.28 7.15
C ASP B 732 41.34 -9.23 6.24
N TYR B 733 41.35 -9.43 4.93
CA TYR B 733 40.57 -8.56 4.03
C TYR B 733 39.14 -9.07 4.05
N ARG B 734 38.28 -8.32 4.74
CA ARG B 734 36.98 -8.82 5.17
C ARG B 734 35.82 -8.42 4.26
N VAL B 735 35.86 -7.19 3.72
CA VAL B 735 34.69 -6.65 3.04
C VAL B 735 34.60 -7.22 1.63
N THR B 736 35.68 -7.85 1.15
CA THR B 736 35.59 -8.61 -0.09
C THR B 736 34.87 -9.93 0.16
N GLY B 737 34.90 -10.41 1.39
CA GLY B 737 34.27 -11.66 1.73
C GLY B 737 32.78 -11.53 1.97
N LEU B 738 32.28 -10.29 1.96
CA LEU B 738 30.85 -10.03 2.05
C LEU B 738 30.34 -9.22 0.87
N PHE B 739 31.20 -8.88 -0.08
CA PHE B 739 30.73 -8.31 -1.33
C PHE B 739 30.64 -9.34 -2.44
N LEU B 740 31.72 -10.08 -2.68
CA LEU B 740 31.71 -11.14 -3.67
C LEU B 740 30.82 -12.30 -3.26
N ALA B 741 30.79 -12.65 -1.97
CA ALA B 741 29.91 -13.69 -1.49
C ALA B 741 28.45 -13.29 -1.51
N ALA B 742 28.14 -12.00 -1.62
CA ALA B 742 26.79 -11.55 -1.85
C ALA B 742 26.56 -11.20 -3.30
N LEU B 743 27.39 -11.71 -4.19
CA LEU B 743 27.14 -11.70 -5.62
C LEU B 743 26.79 -13.08 -6.14
N GLU B 744 27.38 -14.13 -5.60
CA GLU B 744 26.95 -15.47 -5.90
C GLU B 744 25.53 -15.74 -5.39
N VAL B 745 25.14 -15.15 -4.27
CA VAL B 745 23.74 -15.20 -3.83
C VAL B 745 22.83 -14.37 -4.74
N ILE B 746 23.38 -13.38 -5.46
CA ILE B 746 22.63 -12.65 -6.49
C ILE B 746 22.64 -13.40 -7.81
N ARG B 747 23.69 -14.19 -8.07
CA ARG B 747 23.76 -15.00 -9.28
C ARG B 747 22.67 -16.05 -9.33
N ARG B 748 22.60 -16.92 -8.33
CA ARG B 748 21.44 -17.78 -8.18
C ARG B 748 20.31 -16.92 -7.70
N GLY B 749 19.23 -16.85 -8.47
CA GLY B 749 18.23 -15.86 -8.22
C GLY B 749 17.79 -15.43 -9.59
N GLN B 750 18.71 -15.49 -10.56
CA GLN B 750 18.32 -15.60 -11.96
C GLN B 750 18.51 -16.99 -12.50
N TRP B 751 19.30 -17.82 -11.85
CA TRP B 751 19.29 -19.22 -12.18
C TRP B 751 17.97 -19.86 -11.79
N ASN B 752 17.33 -19.40 -10.71
CA ASN B 752 16.04 -19.95 -10.32
C ASN B 752 14.97 -19.66 -11.35
N PHE B 753 15.10 -18.53 -12.04
CA PHE B 753 14.14 -18.19 -13.06
C PHE B 753 14.24 -19.14 -14.24
N TYR B 754 15.40 -19.21 -14.87
CA TYR B 754 15.56 -19.97 -16.10
C TYR B 754 15.70 -21.46 -15.87
N ARG B 755 15.72 -21.92 -14.63
CA ARG B 755 15.56 -23.33 -14.41
C ARG B 755 14.11 -23.74 -14.34
N LEU B 756 13.24 -22.88 -13.82
CA LEU B 756 11.80 -23.15 -13.79
C LEU B 756 11.10 -22.85 -15.09
N GLU B 757 11.51 -21.81 -15.81
CA GLU B 757 10.99 -21.57 -17.15
C GLU B 757 11.30 -22.73 -18.08
N ASN B 758 12.51 -23.26 -17.98
CA ASN B 758 12.91 -24.42 -18.77
C ASN B 758 12.11 -25.66 -18.38
N GLU B 759 11.97 -25.94 -17.10
CA GLU B 759 11.19 -27.12 -16.72
C GLU B 759 9.73 -26.81 -16.52
N HIS B 760 9.21 -25.75 -17.15
CA HIS B 760 7.80 -25.66 -17.53
C HIS B 760 7.60 -25.72 -19.03
N LEU B 761 8.44 -25.01 -19.81
CA LEU B 761 8.45 -25.19 -21.26
C LEU B 761 9.03 -26.52 -21.69
N ASN B 762 9.53 -27.32 -20.75
CA ASN B 762 9.69 -28.75 -20.96
C ASN B 762 9.01 -29.55 -19.85
N ASN B 763 7.89 -29.02 -19.34
CA ASN B 763 6.86 -29.76 -18.63
C ASN B 763 5.54 -29.83 -19.38
N ALA B 764 5.24 -28.80 -20.20
CA ALA B 764 4.18 -28.76 -21.22
C ALA B 764 2.76 -28.73 -20.69
N GLY B 765 2.58 -28.70 -19.36
CA GLY B 765 1.27 -28.51 -18.75
C GLY B 765 1.10 -27.10 -18.22
N LYS B 766 -0.14 -26.66 -17.98
CA LYS B 766 -0.39 -25.28 -17.56
C LYS B 766 -1.41 -25.23 -16.43
N PHE B 767 -1.22 -26.07 -15.43
CA PHE B 767 -2.17 -26.22 -14.31
C PHE B 767 -2.09 -25.02 -13.39
N ARG B 768 -2.74 -23.93 -13.74
CA ARG B 768 -2.84 -22.80 -12.81
C ARG B 768 -4.14 -22.89 -12.01
N ALA B 769 -4.00 -23.19 -10.72
CA ALA B 769 -5.07 -22.93 -9.77
C ALA B 769 -5.22 -21.42 -9.67
N VAL B 770 -6.38 -20.95 -9.22
CA VAL B 770 -6.92 -19.63 -9.57
C VAL B 770 -6.01 -18.47 -9.19
N LYS B 771 -5.47 -17.82 -10.22
CA LYS B 771 -4.63 -16.64 -10.04
C LYS B 771 -5.26 -15.44 -10.73
N THR B 772 -5.47 -15.56 -12.04
CA THR B 772 -6.02 -14.46 -12.85
C THR B 772 -6.78 -15.03 -14.05
C1 IHP C . -27.45 -21.99 2.81
C2 IHP C . -27.59 -20.63 2.17
C3 IHP C . -28.64 -20.44 1.09
C4 IHP C . -29.96 -21.11 1.42
C5 IHP C . -29.84 -22.57 1.81
C6 IHP C . -28.60 -22.96 2.60
O11 IHP C . -27.22 -21.82 4.20
P1 IHP C . -26.32 -22.85 5.07
O21 IHP C . -26.12 -22.07 6.35
O31 IHP C . -27.16 -24.09 5.29
O41 IHP C . -25.07 -23.02 4.18
O12 IHP C . -26.32 -20.43 1.60
P2 IHP C . -25.18 -19.42 2.14
O22 IHP C . -23.87 -20.20 2.06
O32 IHP C . -25.53 -19.19 3.59
O42 IHP C . -25.35 -18.32 1.11
O13 IHP C . -28.14 -21.00 -0.09
P3 IHP C . -27.83 -20.24 -1.49
O23 IHP C . -29.12 -20.19 -2.25
O33 IHP C . -27.23 -18.88 -1.18
O43 IHP C . -26.80 -21.16 -2.10
O14 IHP C . -30.75 -21.25 0.25
P4 IHP C . -31.98 -20.35 -0.23
O24 IHP C . -32.66 -21.27 -1.23
O34 IHP C . -32.78 -20.13 1.04
O44 IHP C . -31.37 -19.09 -0.86
O15 IHP C . -30.98 -23.04 2.53
P5 IHP C . -31.85 -24.35 2.16
O25 IHP C . -31.18 -25.04 0.99
O35 IHP C . -33.22 -23.77 1.80
O45 IHP C . -31.71 -25.04 3.49
O16 IHP C . -28.06 -23.84 1.66
P6 IHP C . -27.84 -25.38 1.95
O26 IHP C . -26.91 -25.26 3.14
O36 IHP C . -27.28 -25.76 0.56
O46 IHP C . -29.19 -25.92 2.33
P PO4 D . -9.72 29.16 21.02
O1 PO4 D . -8.99 28.67 19.80
O2 PO4 D . -9.51 30.66 21.07
O3 PO4 D . -11.17 28.82 20.88
O4 PO4 D . -9.17 28.52 22.28
P PO4 E . 25.79 -25.14 -9.50
O1 PO4 E . 24.73 -24.74 -8.52
O2 PO4 E . 26.37 -26.43 -8.98
O3 PO4 E . 25.15 -25.34 -10.86
O4 PO4 E . 26.88 -24.09 -9.59
C1 IHP F . -11.88 12.05 -30.95
C2 IHP F . -12.06 10.60 -30.54
C3 IHP F . -13.27 9.86 -31.06
C4 IHP F . -13.55 10.13 -32.53
C5 IHP F . -13.63 11.60 -32.89
C6 IHP F . -12.70 12.53 -32.13
O11 IHP F . -10.52 12.28 -31.18
P1 IHP F . -9.80 13.71 -30.90
O21 IHP F . -8.33 13.36 -31.00
O31 IHP F . -10.22 14.63 -32.03
O41 IHP F . -10.32 14.07 -29.51
O12 IHP F . -12.18 10.70 -29.12
P2 IHP F . -11.06 10.27 -28.05
O22 IHP F . -11.02 11.39 -27.02
O32 IHP F . -9.76 10.28 -28.83
O42 IHP F . -11.69 8.96 -27.59
O13 IHP F . -14.40 10.26 -30.31
P3 IHP F . -15.34 9.33 -29.37
O23 IHP F . -16.36 8.72 -30.26
O33 IHP F . -14.47 8.35 -28.62
O43 IHP F . -15.90 10.38 -28.42
O14 IHP F . -14.88 9.72 -32.87
P4 IHP F . -15.36 8.38 -33.61
O24 IHP F . -16.73 8.80 -34.07
O34 IHP F . -14.35 8.22 -34.73
O44 IHP F . -15.36 7.29 -32.54
O15 IHP F . -13.43 11.82 -34.28
P5 IHP F . -14.42 12.65 -35.24
O25 IHP F . -15.53 13.25 -34.39
O35 IHP F . -14.94 11.61 -36.22
O45 IHP F . -13.39 13.64 -35.75
O16 IHP F . -13.69 13.30 -31.52
P6 IHP F . -13.86 14.85 -31.77
O26 IHP F . -12.49 15.30 -31.32
O36 IHP F . -15.08 15.05 -30.87
O46 IHP F . -14.05 15.00 -33.25
#